data_8I4O
#
_entry.id   8I4O
#
_cell.length_a   64.804
_cell.length_b   68.819
_cell.length_c   101.239
_cell.angle_alpha   98.38
_cell.angle_beta   97.97
_cell.angle_gamma   113.44
#
_symmetry.space_group_name_H-M   'P 1'
#
loop_
_entity.id
_entity.type
_entity.pdbx_description
1 polymer 'Split Green flourescent protein'
2 polymer Beta-amyloid
#
loop_
_entity_poly.entity_id
_entity_poly.type
_entity_poly.pdbx_seq_one_letter_code
_entity_poly.pdbx_strand_id
1 'polypeptide(L)'
;GGGGGSEFKNRIFAIFTVRHNVEDGSVQLADHYQQNTPIGDGPVLLPDNHVLETQTVLSKDPNEKRDHMVLLEFVTAAGI
THGMDELYKGGTGGSMASKGEELFTGVVPILVELDGDVNGHKFSVRGEGEGDATIGKLTLKFICTTGKLPVPWPTLVTTL
(GYS)VQCFSRYPDHMKRHDFFKSTMPEGYVQERTISFRDDGKYKTRAVVKFEGDTLVNRVELKGTDFKEDGNILGHKLE
YNF
;
A,C,E,G,I,K
2 'polypeptide(L)' YEVHHQKLVFFAEDGSGGGGS B,D,F,H,J,L
#
# COMPACT_ATOMS: atom_id res chain seq x y z
N ARG A 11 9.91 -26.88 -29.24
CA ARG A 11 9.68 -26.05 -28.04
C ARG A 11 8.27 -25.51 -27.87
N ILE A 12 7.90 -25.22 -26.61
CA ILE A 12 6.61 -24.65 -26.27
C ILE A 12 6.83 -23.53 -25.28
N PHE A 13 5.83 -22.65 -25.17
CA PHE A 13 5.98 -21.41 -24.42
C PHE A 13 4.75 -21.18 -23.57
N ALA A 14 4.96 -20.55 -22.43
CA ALA A 14 3.86 -20.15 -21.58
C ALA A 14 4.31 -18.89 -20.86
N ILE A 15 3.41 -17.95 -20.77
CA ILE A 15 3.65 -16.68 -20.11
C ILE A 15 2.55 -16.54 -19.09
N PHE A 16 2.91 -16.35 -17.83
CA PHE A 16 1.87 -16.14 -16.83
C PHE A 16 2.41 -15.27 -15.71
N THR A 17 1.49 -14.77 -14.89
CA THR A 17 1.83 -13.88 -13.79
C THR A 17 1.22 -14.43 -12.53
N VAL A 18 2.04 -14.69 -11.56
CA VAL A 18 1.59 -15.16 -10.26
C VAL A 18 1.44 -13.95 -9.36
N ARG A 19 0.35 -13.90 -8.62
CA ARG A 19 0.13 -12.87 -7.61
C ARG A 19 0.52 -13.43 -6.24
N HIS A 20 1.32 -12.68 -5.48
CA HIS A 20 1.69 -13.04 -4.12
C HIS A 20 1.16 -11.97 -3.18
N ASN A 21 0.38 -12.38 -2.18
CA ASN A 21 -0.15 -11.45 -1.20
C ASN A 21 0.95 -10.97 -0.26
N VAL A 22 0.95 -9.69 0.05
CA VAL A 22 1.95 -9.12 0.94
C VAL A 22 1.31 -8.86 2.30
N GLU A 23 2.17 -8.61 3.30
CA GLU A 23 1.74 -8.31 4.66
C GLU A 23 0.81 -7.10 4.70
N ASP A 24 1.22 -6.01 4.06
CA ASP A 24 0.52 -4.73 4.12
C ASP A 24 -0.77 -4.69 3.31
N GLY A 25 -1.30 -5.86 2.96
CA GLY A 25 -2.51 -6.03 2.17
C GLY A 25 -2.29 -6.05 0.68
N SER A 26 -1.27 -5.35 0.18
CA SER A 26 -0.98 -5.26 -1.25
C SER A 26 -0.60 -6.61 -1.86
N VAL A 27 -0.31 -6.60 -3.15
CA VAL A 27 0.05 -7.81 -3.88
C VAL A 27 1.40 -7.60 -4.56
N GLN A 28 2.15 -8.69 -4.65
CA GLN A 28 3.45 -8.70 -5.31
C GLN A 28 3.30 -9.58 -6.55
N LEU A 29 3.60 -9.02 -7.71
CA LEU A 29 3.35 -9.70 -8.98
C LEU A 29 4.62 -10.36 -9.50
N ALA A 30 4.46 -11.57 -10.03
CA ALA A 30 5.60 -12.37 -10.47
C ALA A 30 5.34 -12.79 -11.91
N ASP A 31 5.94 -12.06 -12.85
CA ASP A 31 5.76 -12.35 -14.26
C ASP A 31 6.67 -13.49 -14.68
N HIS A 32 6.10 -14.48 -15.37
CA HIS A 32 6.78 -15.73 -15.71
C HIS A 32 6.96 -15.82 -17.22
N TYR A 33 8.21 -16.01 -17.66
CA TYR A 33 8.52 -16.50 -19.01
C TYR A 33 9.03 -17.93 -18.91
N GLN A 34 8.29 -18.86 -19.50
CA GLN A 34 8.58 -20.29 -19.41
C GLN A 34 8.70 -20.88 -20.82
N GLN A 35 9.72 -21.72 -21.01
CA GLN A 35 9.83 -22.54 -22.22
C GLN A 35 10.31 -23.96 -21.86
N ASN A 36 9.93 -24.95 -22.69
CA ASN A 36 10.28 -26.36 -22.54
C ASN A 36 10.83 -26.97 -23.82
N THR A 37 11.91 -27.73 -23.70
CA THR A 37 12.61 -28.32 -24.82
C THR A 37 12.87 -29.80 -24.59
N PRO A 38 12.51 -30.69 -25.51
CA PRO A 38 12.79 -32.11 -25.29
C PRO A 38 14.28 -32.38 -25.33
N ILE A 39 14.73 -33.26 -24.43
CA ILE A 39 16.12 -33.69 -24.43
C ILE A 39 16.33 -34.72 -25.51
N GLY A 40 15.47 -35.73 -25.56
CA GLY A 40 15.63 -36.75 -26.57
C GLY A 40 15.53 -36.21 -27.98
N ASP A 41 16.24 -36.87 -28.89
CA ASP A 41 16.25 -36.48 -30.30
C ASP A 41 15.07 -37.12 -31.05
N GLY A 42 13.97 -37.45 -30.36
CA GLY A 42 12.93 -38.24 -30.98
C GLY A 42 11.66 -37.48 -31.29
N PRO A 43 10.57 -38.20 -31.57
CA PRO A 43 9.35 -37.50 -32.00
C PRO A 43 8.58 -36.99 -30.78
N VAL A 44 7.94 -35.83 -30.96
CA VAL A 44 7.12 -35.22 -29.92
C VAL A 44 5.88 -34.59 -30.54
N LEU A 45 4.94 -34.21 -29.68
CA LEU A 45 3.67 -33.63 -30.09
C LEU A 45 3.76 -32.11 -30.05
N LEU A 46 3.21 -31.45 -31.09
CA LEU A 46 3.13 -29.99 -31.14
C LEU A 46 1.71 -29.54 -30.79
N PRO A 47 1.47 -29.21 -29.52
CA PRO A 47 0.10 -28.97 -29.05
C PRO A 47 -0.38 -27.59 -29.46
N ASP A 48 -1.67 -27.54 -29.78
CA ASP A 48 -2.34 -26.29 -30.02
C ASP A 48 -2.31 -25.46 -28.73
N ASN A 49 -2.72 -24.19 -28.81
CA ASN A 49 -2.99 -23.45 -27.56
C ASN A 49 -3.98 -24.19 -26.70
N HIS A 50 -3.60 -24.40 -25.46
CA HIS A 50 -4.52 -24.96 -24.49
C HIS A 50 -4.10 -24.44 -23.12
N VAL A 51 -5.02 -24.52 -22.16
CA VAL A 51 -4.75 -23.99 -20.84
C VAL A 51 -4.51 -25.11 -19.83
N LEU A 52 -3.72 -24.76 -18.81
CA LEU A 52 -3.50 -25.59 -17.64
C LEU A 52 -4.09 -24.84 -16.48
N GLU A 53 -5.16 -25.41 -15.89
CA GLU A 53 -5.87 -24.84 -14.75
C GLU A 53 -5.29 -25.50 -13.49
N THR A 54 -4.61 -24.71 -12.66
CA THR A 54 -3.93 -25.23 -11.47
C THR A 54 -4.55 -24.68 -10.20
N GLN A 55 -4.97 -25.57 -9.31
CA GLN A 55 -5.26 -25.24 -7.93
C GLN A 55 -4.16 -25.84 -7.07
N THR A 56 -3.80 -25.14 -6.01
CA THR A 56 -2.62 -25.56 -5.28
C THR A 56 -2.64 -24.99 -3.86
N VAL A 57 -2.46 -25.88 -2.86
CA VAL A 57 -2.44 -25.56 -1.42
C VAL A 57 -1.12 -25.99 -0.80
N LEU A 58 -0.65 -25.13 0.12
CA LEU A 58 0.58 -25.29 0.88
C LEU A 58 0.24 -25.43 2.35
N SER A 59 1.09 -26.13 3.09
CA SER A 59 0.77 -26.40 4.49
C SER A 59 2.04 -26.90 5.14
N LYS A 60 1.97 -27.10 6.44
CA LYS A 60 3.13 -27.45 7.24
C LYS A 60 2.96 -28.83 7.85
N ASP A 61 4.05 -29.56 7.92
CA ASP A 61 4.09 -30.71 8.82
C ASP A 61 4.37 -30.16 10.21
N PRO A 62 3.47 -30.34 11.19
CA PRO A 62 3.77 -29.82 12.53
C PRO A 62 4.88 -30.60 13.19
N ASN A 63 5.13 -31.85 12.76
CA ASN A 63 6.23 -32.64 13.30
C ASN A 63 7.58 -32.23 12.74
N GLU A 64 7.61 -31.53 11.62
CA GLU A 64 8.88 -31.16 11.01
C GLU A 64 9.41 -29.89 11.64
N LYS A 65 10.65 -29.95 12.14
CA LYS A 65 11.33 -28.80 12.71
C LYS A 65 12.17 -28.07 11.67
N ARG A 66 12.62 -28.76 10.63
CA ARG A 66 13.34 -28.12 9.54
C ARG A 66 12.41 -27.18 8.78
N ASP A 67 13.01 -26.28 8.02
CA ASP A 67 12.21 -25.42 7.16
C ASP A 67 11.61 -26.26 6.04
N HIS A 68 10.31 -26.14 5.83
CA HIS A 68 9.68 -27.07 4.90
C HIS A 68 8.43 -26.44 4.33
N MET A 69 7.86 -27.16 3.37
CA MET A 69 6.62 -26.77 2.70
C MET A 69 5.94 -28.06 2.25
N VAL A 70 4.73 -28.32 2.74
CA VAL A 70 3.90 -29.40 2.21
C VAL A 70 3.05 -28.84 1.07
N LEU A 71 2.97 -29.60 -0.03
CA LEU A 71 2.25 -29.19 -1.22
C LEU A 71 1.19 -30.24 -1.59
N LEU A 72 -0.04 -29.78 -1.81
CA LEU A 72 -1.05 -30.57 -2.50
C LEU A 72 -1.54 -29.78 -3.71
N GLU A 73 -1.52 -30.43 -4.86
CA GLU A 73 -1.83 -29.75 -6.10
C GLU A 73 -2.61 -30.64 -7.06
N PHE A 74 -3.56 -30.00 -7.75
CA PHE A 74 -4.39 -30.63 -8.76
C PHE A 74 -4.23 -29.86 -10.05
N VAL A 75 -3.69 -30.52 -11.06
CA VAL A 75 -3.39 -29.88 -12.32
C VAL A 75 -4.20 -30.60 -13.39
N THR A 76 -4.80 -29.80 -14.27
CA THR A 76 -5.73 -30.30 -15.26
C THR A 76 -5.75 -29.38 -16.48
N ALA A 77 -5.71 -30.01 -17.67
CA ALA A 77 -5.69 -29.29 -18.93
C ALA A 77 -7.10 -28.97 -19.44
N ALA A 78 -7.21 -27.89 -20.19
CA ALA A 78 -8.50 -27.48 -20.75
C ALA A 78 -8.23 -26.66 -21.98
N GLY A 79 -9.27 -26.41 -22.75
CA GLY A 79 -9.15 -25.44 -23.82
C GLY A 79 -9.88 -25.84 -25.06
N GLY A 100 4.21 -43.30 -25.45
CA GLY A 100 5.16 -42.56 -24.63
C GLY A 100 4.55 -41.96 -23.38
N GLU A 101 3.33 -42.40 -23.10
CA GLU A 101 2.53 -41.88 -22.01
C GLU A 101 2.27 -42.91 -20.91
N GLU A 102 2.51 -44.19 -21.22
CA GLU A 102 2.20 -45.29 -20.33
C GLU A 102 2.89 -45.15 -18.99
N LEU A 103 4.02 -44.46 -18.96
CA LEU A 103 4.80 -44.28 -17.73
C LEU A 103 4.00 -43.60 -16.63
N PHE A 104 2.83 -43.07 -16.97
CA PHE A 104 2.04 -42.26 -16.06
C PHE A 104 0.71 -42.88 -15.74
N THR A 105 0.49 -44.14 -16.15
CA THR A 105 -0.82 -44.75 -15.94
C THR A 105 -1.13 -44.91 -14.46
N GLY A 106 -0.16 -44.66 -13.59
CA GLY A 106 -0.35 -44.79 -12.16
C GLY A 106 0.43 -43.80 -11.32
N VAL A 107 0.65 -44.17 -10.07
CA VAL A 107 1.40 -43.33 -9.16
C VAL A 107 2.88 -43.48 -9.47
N VAL A 108 3.50 -42.40 -9.91
CA VAL A 108 4.94 -42.33 -10.15
C VAL A 108 5.56 -41.65 -8.94
N PRO A 109 6.71 -42.09 -8.46
CA PRO A 109 7.42 -41.36 -7.41
C PRO A 109 8.11 -40.12 -8.00
N ILE A 110 8.44 -39.19 -7.11
CA ILE A 110 9.05 -37.93 -7.52
C ILE A 110 10.22 -37.62 -6.58
N LEU A 111 11.34 -37.27 -7.17
CA LEU A 111 12.46 -36.66 -6.45
C LEU A 111 12.66 -35.28 -7.01
N VAL A 112 12.69 -34.26 -6.16
CA VAL A 112 12.98 -32.91 -6.59
C VAL A 112 14.21 -32.40 -5.85
N GLU A 113 15.14 -31.80 -6.60
CA GLU A 113 16.38 -31.22 -6.07
C GLU A 113 16.59 -29.87 -6.71
N LEU A 114 16.57 -28.81 -5.90
CA LEU A 114 16.85 -27.45 -6.34
C LEU A 114 18.17 -27.00 -5.73
N ASP A 115 19.04 -26.43 -6.56
CA ASP A 115 20.19 -25.68 -6.08
C ASP A 115 20.04 -24.23 -6.51
N GLY A 116 20.05 -23.32 -5.53
CA GLY A 116 19.92 -21.92 -5.84
C GLY A 116 20.89 -21.05 -5.04
N ASP A 117 21.17 -19.86 -5.60
CA ASP A 117 21.61 -18.76 -4.77
C ASP A 117 20.91 -17.50 -5.22
N VAL A 118 20.44 -16.75 -4.25
CA VAL A 118 19.71 -15.51 -4.46
C VAL A 118 20.52 -14.42 -3.79
N ASN A 119 21.05 -13.49 -4.60
CA ASN A 119 21.96 -12.46 -4.11
C ASN A 119 23.06 -13.09 -3.28
N GLY A 120 23.70 -14.12 -3.85
CA GLY A 120 24.80 -14.80 -3.18
C GLY A 120 24.41 -15.75 -2.07
N HIS A 121 23.17 -15.72 -1.60
CA HIS A 121 22.66 -16.69 -0.64
C HIS A 121 22.66 -18.10 -1.19
N LYS A 122 23.61 -18.97 -0.86
CA LYS A 122 23.51 -20.32 -1.37
C LYS A 122 22.58 -21.19 -0.51
N PHE A 123 21.72 -21.98 -1.16
CA PHE A 123 20.74 -22.83 -0.48
C PHE A 123 20.27 -23.95 -1.41
N SER A 124 19.78 -25.03 -0.80
CA SER A 124 19.22 -26.17 -1.54
C SER A 124 17.89 -26.59 -0.92
N VAL A 125 16.96 -27.03 -1.79
CA VAL A 125 15.67 -27.58 -1.40
C VAL A 125 15.63 -29.00 -1.94
N ARG A 126 15.18 -29.94 -1.13
CA ARG A 126 15.02 -31.35 -1.52
C ARG A 126 13.56 -31.73 -1.40
N GLY A 127 13.04 -32.42 -2.41
CA GLY A 127 11.63 -32.78 -2.43
C GLY A 127 11.32 -34.21 -2.79
N GLU A 128 10.41 -34.81 -2.03
CA GLU A 128 9.94 -36.18 -2.22
C GLU A 128 8.42 -36.19 -2.28
N GLY A 129 7.86 -37.17 -2.97
CA GLY A 129 6.43 -37.28 -3.05
C GLY A 129 6.03 -38.23 -4.16
N GLU A 130 4.74 -38.24 -4.43
CA GLU A 130 4.19 -39.12 -5.43
C GLU A 130 3.53 -38.28 -6.50
N GLY A 131 3.37 -38.87 -7.68
CA GLY A 131 2.66 -38.17 -8.72
C GLY A 131 1.70 -39.09 -9.45
N ASP A 132 0.40 -38.74 -9.41
CA ASP A 132 -0.65 -39.50 -10.08
C ASP A 132 -1.19 -38.64 -11.20
N ALA A 133 -0.80 -38.97 -12.43
CA ALA A 133 -1.28 -38.18 -13.54
C ALA A 133 -2.76 -38.44 -13.81
N THR A 134 -3.27 -39.60 -13.40
CA THR A 134 -4.63 -39.99 -13.72
C THR A 134 -5.65 -39.06 -13.11
N ILE A 135 -5.32 -38.34 -12.05
CA ILE A 135 -6.21 -37.32 -11.53
C ILE A 135 -5.55 -35.94 -11.47
N GLY A 136 -4.36 -35.79 -12.06
CA GLY A 136 -3.64 -34.52 -12.07
C GLY A 136 -3.25 -34.02 -10.70
N LYS A 137 -3.00 -34.94 -9.78
CA LYS A 137 -2.73 -34.63 -8.37
C LYS A 137 -1.25 -34.83 -8.05
N LEU A 138 -0.68 -33.86 -7.35
CA LEU A 138 0.68 -33.95 -6.81
C LEU A 138 0.65 -33.74 -5.30
N THR A 139 1.29 -34.67 -4.56
CA THR A 139 1.62 -34.50 -3.15
C THR A 139 3.13 -34.58 -3.00
N LEU A 140 3.74 -33.47 -2.58
CA LEU A 140 5.18 -33.36 -2.40
C LEU A 140 5.44 -32.60 -1.11
N LYS A 141 6.48 -32.99 -0.41
CA LYS A 141 6.96 -32.26 0.75
C LYS A 141 8.37 -31.81 0.44
N PHE A 142 8.64 -30.53 0.62
CA PHE A 142 9.93 -29.96 0.30
C PHE A 142 10.62 -29.56 1.59
N ILE A 143 11.95 -29.71 1.61
CA ILE A 143 12.76 -29.40 2.77
C ILE A 143 13.96 -28.57 2.37
N CYS A 144 14.23 -27.53 3.16
CA CYS A 144 15.43 -26.73 3.00
C CYS A 144 16.59 -27.47 3.65
N THR A 145 17.48 -27.98 2.79
CA THR A 145 18.61 -28.79 3.19
C THR A 145 19.70 -28.01 3.90
N THR A 146 19.78 -26.70 3.68
CA THR A 146 20.88 -25.88 4.17
C THR A 146 20.44 -24.89 5.25
N GLY A 147 19.47 -25.24 6.06
CA GLY A 147 19.15 -24.31 7.12
C GLY A 147 17.89 -23.50 6.85
N LYS A 148 18.01 -22.17 6.86
CA LYS A 148 16.85 -21.33 6.63
C LYS A 148 16.76 -21.06 5.14
N LEU A 149 15.52 -21.14 4.60
CA LEU A 149 15.31 -20.80 3.20
C LEU A 149 15.39 -19.29 3.08
N PRO A 150 16.22 -18.76 2.18
CA PRO A 150 16.45 -17.30 2.13
C PRO A 150 15.43 -16.53 1.31
N VAL A 151 14.38 -17.19 0.83
CA VAL A 151 13.29 -16.56 0.09
C VAL A 151 11.99 -17.21 0.54
N PRO A 152 10.86 -16.56 0.35
CA PRO A 152 9.59 -17.18 0.78
C PRO A 152 9.25 -18.39 -0.10
N TRP A 153 8.78 -19.45 0.55
CA TRP A 153 8.42 -20.67 -0.16
C TRP A 153 7.44 -20.46 -1.31
N PRO A 154 6.46 -19.54 -1.23
CA PRO A 154 5.57 -19.34 -2.38
C PRO A 154 6.29 -18.95 -3.65
N THR A 155 7.36 -18.15 -3.53
CA THR A 155 8.08 -17.69 -4.70
C THR A 155 8.89 -18.77 -5.35
N LEU A 156 8.91 -19.97 -4.76
CA LEU A 156 9.63 -21.10 -5.31
C LEU A 156 8.69 -22.24 -5.68
N VAL A 157 7.37 -21.99 -5.66
CA VAL A 157 6.42 -23.07 -5.95
C VAL A 157 6.39 -23.39 -7.44
N THR A 158 6.17 -22.38 -8.28
CA THR A 158 6.11 -22.61 -9.73
C THR A 158 7.42 -23.12 -10.30
N THR A 159 8.52 -23.03 -9.55
CA THR A 159 9.82 -23.55 -9.96
C THR A 159 10.03 -24.99 -9.50
N LEU A 160 9.63 -25.32 -8.27
CA LEU A 160 9.80 -26.62 -7.61
C LEU A 160 8.75 -27.67 -8.06
N VAL A 162 6.89 -30.04 -12.20
CA VAL A 162 6.80 -31.36 -12.81
C VAL A 162 5.50 -31.59 -13.57
N GLN A 163 5.25 -30.62 -14.46
CA GLN A 163 4.00 -30.46 -15.20
C GLN A 163 3.70 -31.61 -16.17
N CYS A 164 4.58 -32.58 -16.23
CA CYS A 164 4.26 -33.80 -16.93
C CYS A 164 3.24 -34.64 -16.18
N PHE A 165 2.79 -34.24 -15.01
CA PHE A 165 1.76 -34.95 -14.28
C PHE A 165 0.37 -34.35 -14.45
N SER A 166 0.27 -33.23 -15.16
CA SER A 166 -1.03 -32.60 -15.35
C SER A 166 -1.97 -33.51 -16.10
N ARG A 167 -3.19 -33.63 -15.62
CA ARG A 167 -4.17 -34.53 -16.24
C ARG A 167 -4.74 -33.94 -17.52
N TYR A 168 -4.55 -34.66 -18.64
CA TYR A 168 -5.16 -34.23 -19.90
C TYR A 168 -6.40 -35.05 -20.20
N PRO A 169 -7.54 -34.38 -20.50
CA PRO A 169 -8.69 -35.09 -21.05
C PRO A 169 -8.34 -35.84 -22.33
N ASP A 170 -9.23 -36.76 -22.72
CA ASP A 170 -8.95 -37.66 -23.83
C ASP A 170 -9.07 -36.99 -25.20
N HIS A 171 -10.00 -36.04 -25.37
CA HIS A 171 -10.00 -35.32 -26.64
C HIS A 171 -8.77 -34.43 -26.79
N MET A 172 -8.01 -34.23 -25.70
CA MET A 172 -6.77 -33.48 -25.68
C MET A 172 -5.54 -34.35 -25.35
N LYS A 173 -5.70 -35.68 -25.26
CA LYS A 173 -4.58 -36.53 -24.91
C LYS A 173 -3.39 -36.38 -25.87
N ARG A 174 -3.64 -35.86 -27.08
CA ARG A 174 -2.62 -35.62 -28.10
C ARG A 174 -1.84 -34.32 -27.90
N HIS A 175 -2.26 -33.45 -26.98
CA HIS A 175 -1.62 -32.15 -26.78
C HIS A 175 -0.78 -32.12 -25.52
N ASP A 176 -0.35 -33.29 -25.06
CA ASP A 176 0.46 -33.45 -23.87
C ASP A 176 1.93 -33.59 -24.29
N PHE A 177 2.54 -32.44 -24.62
CA PHE A 177 3.99 -32.36 -24.89
C PHE A 177 4.78 -33.11 -23.82
N PHE A 178 4.47 -32.80 -22.56
CA PHE A 178 5.31 -33.25 -21.46
C PHE A 178 5.46 -34.75 -21.46
N LYS A 179 4.34 -35.46 -21.53
CA LYS A 179 4.41 -36.92 -21.45
C LYS A 179 5.13 -37.47 -22.67
N SER A 180 4.91 -36.86 -23.83
CA SER A 180 5.48 -37.37 -25.07
C SER A 180 6.98 -37.14 -25.16
N THR A 181 7.57 -36.42 -24.22
CA THR A 181 9.03 -36.27 -24.16
C THR A 181 9.67 -37.23 -23.18
N MET A 182 8.91 -38.21 -22.67
CA MET A 182 9.40 -39.06 -21.61
C MET A 182 9.76 -40.43 -22.18
N PRO A 183 10.69 -41.19 -21.54
CA PRO A 183 11.39 -40.94 -20.27
C PRO A 183 12.68 -40.14 -20.44
N GLU A 184 12.94 -39.71 -21.69
CA GLU A 184 14.11 -38.91 -21.98
C GLU A 184 14.02 -37.56 -21.28
N GLY A 185 12.84 -36.97 -21.26
CA GLY A 185 12.59 -35.78 -20.47
C GLY A 185 12.63 -34.54 -21.33
N TYR A 186 12.65 -33.41 -20.64
CA TYR A 186 12.70 -32.14 -21.31
C TYR A 186 13.45 -31.18 -20.41
N VAL A 187 13.81 -30.04 -20.96
CA VAL A 187 14.48 -28.98 -20.22
C VAL A 187 13.51 -27.83 -20.02
N GLN A 188 13.31 -27.46 -18.77
CA GLN A 188 12.46 -26.34 -18.44
C GLN A 188 13.32 -25.16 -18.06
N GLU A 189 13.10 -24.04 -18.75
CA GLU A 189 13.86 -22.81 -18.53
C GLU A 189 12.84 -21.69 -18.37
N ARG A 190 13.02 -20.91 -17.32
CA ARG A 190 12.01 -19.97 -16.90
C ARG A 190 12.71 -18.79 -16.24
N THR A 191 12.28 -17.58 -16.56
CA THR A 191 12.73 -16.40 -15.82
C THR A 191 11.51 -15.83 -15.10
N ILE A 192 11.62 -15.66 -13.79
CA ILE A 192 10.54 -15.12 -12.98
C ILE A 192 10.97 -13.78 -12.39
N SER A 193 10.42 -12.69 -12.92
CA SER A 193 10.78 -11.36 -12.46
C SER A 193 9.68 -10.86 -11.54
N PHE A 194 10.07 -10.39 -10.36
CA PHE A 194 9.16 -9.82 -9.38
C PHE A 194 9.16 -8.30 -9.55
N ARG A 195 7.98 -7.74 -9.80
CA ARG A 195 7.90 -6.34 -10.17
C ARG A 195 8.49 -5.50 -9.05
N ASP A 196 9.24 -4.47 -9.44
CA ASP A 196 9.94 -3.59 -8.52
C ASP A 196 11.00 -4.33 -7.72
N ASP A 197 11.47 -5.47 -8.21
CA ASP A 197 12.47 -6.22 -7.44
C ASP A 197 13.28 -7.10 -8.41
N GLY A 198 13.94 -8.11 -7.87
CA GLY A 198 14.84 -8.93 -8.65
C GLY A 198 14.09 -9.91 -9.52
N LYS A 199 14.80 -10.99 -9.87
CA LYS A 199 14.34 -11.94 -10.87
C LYS A 199 15.06 -13.26 -10.64
N TYR A 200 14.34 -14.38 -10.78
CA TYR A 200 14.93 -15.71 -10.77
C TYR A 200 15.13 -16.15 -12.20
N LYS A 201 16.20 -16.87 -12.45
CA LYS A 201 16.39 -17.54 -13.73
C LYS A 201 16.72 -18.99 -13.39
N THR A 202 15.85 -19.92 -13.78
CA THR A 202 15.96 -21.31 -13.41
C THR A 202 16.20 -22.18 -14.64
N ARG A 203 16.93 -23.26 -14.44
CA ARG A 203 17.13 -24.29 -15.44
C ARG A 203 16.76 -25.58 -14.78
N ALA A 204 15.99 -26.41 -15.47
CA ALA A 204 15.48 -27.64 -14.89
C ALA A 204 15.55 -28.78 -15.90
N VAL A 205 16.00 -29.94 -15.44
CA VAL A 205 15.93 -31.17 -16.23
C VAL A 205 14.90 -32.08 -15.58
N VAL A 206 13.80 -32.31 -16.28
CA VAL A 206 12.72 -33.15 -15.79
C VAL A 206 12.75 -34.43 -16.61
N LYS A 207 13.19 -35.52 -16.00
CA LYS A 207 13.32 -36.78 -16.72
C LYS A 207 13.00 -37.93 -15.78
N PHE A 208 12.90 -39.12 -16.35
CA PHE A 208 12.83 -40.33 -15.57
C PHE A 208 14.23 -40.84 -15.25
N GLU A 209 14.39 -41.40 -14.06
CA GLU A 209 15.68 -41.87 -13.59
C GLU A 209 15.39 -43.17 -12.83
N GLY A 210 15.35 -44.27 -13.56
CA GLY A 210 15.12 -45.58 -12.97
C GLY A 210 13.73 -45.68 -12.38
N ASP A 211 12.75 -45.22 -13.14
CA ASP A 211 11.35 -45.30 -12.74
C ASP A 211 11.09 -44.56 -11.43
N THR A 212 11.66 -43.35 -11.32
CA THR A 212 11.15 -42.30 -10.44
C THR A 212 11.33 -41.00 -11.21
N LEU A 213 10.35 -40.12 -11.17
CA LEU A 213 10.49 -38.88 -11.92
C LEU A 213 11.32 -37.86 -11.15
N VAL A 214 12.31 -37.26 -11.80
CA VAL A 214 13.21 -36.32 -11.15
C VAL A 214 13.13 -34.95 -11.81
N ASN A 215 13.19 -33.93 -10.99
CA ASN A 215 13.28 -32.53 -11.40
C ASN A 215 14.53 -31.97 -10.75
N ARG A 216 15.61 -31.85 -11.51
CA ARG A 216 16.85 -31.25 -11.00
C ARG A 216 16.93 -29.83 -11.54
N VAL A 217 17.02 -28.85 -10.66
CA VAL A 217 16.83 -27.45 -11.02
C VAL A 217 17.92 -26.60 -10.41
N GLU A 218 18.44 -25.66 -11.19
CA GLU A 218 19.23 -24.55 -10.70
C GLU A 218 18.41 -23.29 -10.75
N LEU A 219 18.72 -22.39 -9.83
CA LEU A 219 17.99 -21.13 -9.73
C LEU A 219 18.95 -20.03 -9.35
N LYS A 220 19.08 -19.02 -10.20
CA LYS A 220 19.89 -17.86 -9.87
C LYS A 220 18.99 -16.63 -9.80
N GLY A 221 18.89 -16.05 -8.62
CA GLY A 221 18.22 -14.77 -8.43
C GLY A 221 19.27 -13.67 -8.30
N THR A 222 19.00 -12.55 -8.96
CA THR A 222 19.87 -11.38 -9.03
C THR A 222 19.05 -10.11 -8.81
N ASP A 223 19.76 -9.06 -8.37
CA ASP A 223 19.21 -7.69 -8.26
C ASP A 223 18.02 -7.63 -7.31
N PHE A 224 18.09 -8.35 -6.21
CA PHE A 224 17.00 -8.36 -5.25
C PHE A 224 17.21 -7.30 -4.18
N LYS A 225 16.14 -6.61 -3.79
CA LYS A 225 16.25 -5.62 -2.73
C LYS A 225 16.52 -6.36 -1.42
N GLU A 226 17.67 -6.10 -0.78
CA GLU A 226 18.04 -6.86 0.41
C GLU A 226 17.04 -6.71 1.55
N ASP A 227 16.02 -5.87 1.39
CA ASP A 227 14.91 -5.82 2.32
C ASP A 227 13.71 -5.35 1.53
N GLY A 228 13.49 -6.04 0.42
CA GLY A 228 12.26 -5.95 -0.32
C GLY A 228 11.34 -7.08 0.10
N ASN A 229 10.29 -7.29 -0.69
CA ASN A 229 9.30 -8.26 -0.27
C ASN A 229 9.90 -9.63 -0.12
N ILE A 230 10.82 -9.99 -1.00
CA ILE A 230 11.32 -11.36 -1.04
C ILE A 230 12.39 -11.59 0.00
N LEU A 231 13.54 -10.89 -0.10
CA LEU A 231 14.57 -11.01 0.93
C LEU A 231 14.15 -10.44 2.29
N GLY A 232 13.18 -9.53 2.33
CA GLY A 232 12.65 -9.14 3.62
C GLY A 232 11.61 -10.07 4.21
N HIS A 233 11.22 -11.11 3.50
CA HIS A 233 10.21 -12.09 3.93
C HIS A 233 8.93 -11.40 4.35
N LYS A 234 8.30 -10.78 3.36
CA LYS A 234 7.10 -10.01 3.61
C LYS A 234 5.90 -10.62 2.90
N LEU A 235 5.99 -11.87 2.45
CA LEU A 235 4.88 -12.45 1.72
C LEU A 235 4.05 -13.28 2.67
N GLU A 236 2.73 -13.08 2.66
CA GLU A 236 1.82 -13.94 3.41
C GLU A 236 1.93 -15.36 2.86
N TYR A 237 1.81 -16.36 3.74
CA TYR A 237 2.22 -17.71 3.36
C TYR A 237 1.03 -18.60 3.01
N ASN A 238 0.64 -18.53 1.73
CA ASN A 238 -0.40 -19.32 1.09
C ASN A 238 -0.53 -18.81 -0.34
N PHE A 239 -1.30 -19.54 -1.15
CA PHE A 239 -1.12 -19.48 -2.57
C PHE A 239 -1.81 -20.59 -3.35
N HIS B 5 -5.47 -21.34 -7.28
CA HIS B 5 -6.12 -21.14 -8.59
C HIS B 5 -5.32 -20.26 -9.54
N GLN B 6 -5.07 -20.76 -10.74
CA GLN B 6 -4.37 -20.10 -11.83
C GLN B 6 -4.60 -20.92 -13.06
N LYS B 7 -4.70 -20.25 -14.17
CA LYS B 7 -4.76 -20.94 -15.45
C LYS B 7 -3.55 -20.47 -16.25
N LEU B 8 -3.03 -21.34 -17.13
CA LEU B 8 -1.74 -21.14 -17.81
C LEU B 8 -1.86 -21.47 -19.29
N VAL B 9 -1.42 -20.56 -20.16
CA VAL B 9 -1.55 -20.79 -21.60
C VAL B 9 -0.21 -21.25 -22.15
N PHE B 10 -0.20 -22.42 -22.77
CA PHE B 10 1.02 -22.95 -23.35
C PHE B 10 0.97 -22.78 -24.87
N PHE B 11 2.05 -22.21 -25.45
CA PHE B 11 2.16 -21.89 -26.89
C PHE B 11 2.88 -23.01 -27.62
N ALA B 12 3.44 -22.71 -28.79
CA ALA B 12 4.17 -23.69 -29.57
C ALA B 12 5.13 -22.96 -30.51
N GLU B 13 6.36 -23.46 -30.58
CA GLU B 13 7.46 -22.83 -31.31
C GLU B 13 7.15 -22.77 -32.81
N ARG C 11 5.80 27.92 -16.47
CA ARG C 11 5.89 29.07 -15.57
C ARG C 11 4.51 29.74 -15.41
N ILE C 12 4.10 30.00 -14.17
CA ILE C 12 2.79 30.57 -13.88
C ILE C 12 2.96 31.71 -12.88
N PHE C 13 1.92 32.53 -12.76
CA PHE C 13 1.98 33.81 -12.05
C PHE C 13 0.75 34.03 -11.16
N ALA C 14 0.94 34.81 -10.09
CA ALA C 14 -0.17 35.25 -9.24
C ALA C 14 0.20 36.57 -8.57
N ILE C 15 -0.75 37.49 -8.52
CA ILE C 15 -0.59 38.78 -7.87
C ILE C 15 -1.71 38.96 -6.86
N PHE C 16 -1.35 39.16 -5.60
CA PHE C 16 -2.36 39.41 -4.60
C PHE C 16 -1.75 40.26 -3.51
N THR C 17 -2.62 40.77 -2.64
CA THR C 17 -2.24 41.63 -1.54
C THR C 17 -2.85 41.06 -0.29
N VAL C 18 -2.01 40.77 0.69
CA VAL C 18 -2.45 40.29 1.99
C VAL C 18 -2.62 41.49 2.91
N ARG C 19 -3.73 41.54 3.63
CA ARG C 19 -3.96 42.56 4.66
C ARG C 19 -3.61 41.98 6.04
N HIS C 20 -2.78 42.70 6.79
CA HIS C 20 -2.36 42.35 8.14
C HIS C 20 -2.84 43.42 9.08
N ASN C 21 -3.61 43.03 10.09
CA ASN C 21 -4.07 43.99 11.09
C ASN C 21 -2.95 44.40 12.03
N VAL C 22 -2.93 45.68 12.34
CA VAL C 22 -1.93 46.26 13.19
C VAL C 22 -2.55 46.49 14.58
N GLU C 23 -1.69 46.80 15.56
CA GLU C 23 -2.15 47.08 16.92
C GLU C 23 -3.20 48.17 16.94
N ASP C 24 -2.90 49.32 16.31
CA ASP C 24 -3.73 50.50 16.38
C ASP C 24 -4.98 50.41 15.55
N GLY C 25 -5.38 49.21 15.13
CA GLY C 25 -6.56 49.02 14.31
C GLY C 25 -6.33 49.15 12.82
N SER C 26 -5.31 49.91 12.42
CA SER C 26 -4.97 50.08 11.02
C SER C 26 -4.60 48.74 10.39
N VAL C 27 -4.30 48.76 9.10
CA VAL C 27 -3.96 47.55 8.37
C VAL C 27 -2.61 47.73 7.68
N GLN C 28 -1.82 46.65 7.64
CA GLN C 28 -0.50 46.64 7.01
C GLN C 28 -0.61 45.78 5.76
N LEU C 29 -0.27 46.38 4.62
CA LEU C 29 -0.50 45.74 3.32
C LEU C 29 0.73 45.00 2.81
N ALA C 30 0.51 43.80 2.27
CA ALA C 30 1.60 42.95 1.81
C ALA C 30 1.35 42.53 0.37
N ASP C 31 1.92 43.30 -0.57
CA ASP C 31 1.74 43.02 -1.99
C ASP C 31 2.66 41.89 -2.41
N HIS C 32 2.09 40.90 -3.10
CA HIS C 32 2.73 39.63 -3.44
C HIS C 32 2.97 39.51 -4.95
N TYR C 33 4.23 39.28 -5.37
CA TYR C 33 4.55 38.80 -6.72
C TYR C 33 5.04 37.36 -6.64
N GLN C 34 4.29 36.45 -7.25
CA GLN C 34 4.59 35.03 -7.17
C GLN C 34 4.73 34.44 -8.57
N GLN C 35 5.74 33.60 -8.77
CA GLN C 35 5.85 32.78 -9.98
C GLN C 35 6.31 31.37 -9.62
N ASN C 36 5.90 30.42 -10.45
CA ASN C 36 6.17 29.00 -10.24
C ASN C 36 6.76 28.42 -11.50
N THR C 37 7.82 27.65 -11.34
CA THR C 37 8.54 27.14 -12.49
C THR C 37 8.82 25.65 -12.35
N PRO C 38 8.52 24.83 -13.36
CA PRO C 38 8.79 23.39 -13.27
C PRO C 38 10.27 23.12 -13.12
N ILE C 39 10.61 22.24 -12.19
CA ILE C 39 12.01 21.86 -12.05
C ILE C 39 12.36 20.77 -13.06
N GLY C 40 11.60 19.70 -13.05
CA GLY C 40 11.86 18.59 -13.95
C GLY C 40 11.76 18.98 -15.41
N ASP C 41 12.46 18.23 -16.25
CA ASP C 41 12.40 18.40 -17.69
C ASP C 41 11.22 17.58 -18.20
N GLY C 42 10.14 18.23 -18.63
CA GLY C 42 8.95 17.50 -19.06
C GLY C 42 7.70 18.33 -19.29
N PRO C 43 6.56 17.66 -19.46
CA PRO C 43 5.32 18.37 -19.79
C PRO C 43 4.53 18.79 -18.56
N VAL C 44 3.85 19.93 -18.70
CA VAL C 44 3.02 20.47 -17.63
C VAL C 44 1.74 21.05 -18.22
N LEU C 45 0.84 21.45 -17.32
CA LEU C 45 -0.45 22.00 -17.70
C LEU C 45 -0.39 23.54 -17.71
N LEU C 46 -0.96 24.18 -18.77
CA LEU C 46 -1.05 25.63 -18.77
C LEU C 46 -2.48 26.02 -18.39
N PRO C 47 -2.76 26.33 -17.12
CA PRO C 47 -4.16 26.59 -16.72
C PRO C 47 -4.63 27.96 -17.18
N ASP C 48 -5.90 28.03 -17.54
CA ASP C 48 -6.49 29.33 -17.81
C ASP C 48 -6.38 30.19 -16.57
N ASN C 49 -6.80 31.45 -16.67
CA ASN C 49 -7.04 32.23 -15.47
C ASN C 49 -8.02 31.47 -14.58
N HIS C 50 -7.60 31.19 -13.35
CA HIS C 50 -8.52 30.63 -12.37
C HIS C 50 -8.09 31.08 -10.98
N VAL C 51 -9.06 31.05 -10.06
CA VAL C 51 -8.86 31.60 -8.73
C VAL C 51 -8.63 30.47 -7.74
N LEU C 52 -7.89 30.79 -6.71
CA LEU C 52 -7.62 29.84 -5.65
C LEU C 52 -8.05 30.49 -4.32
N GLU C 53 -9.01 29.84 -3.64
CA GLU C 53 -9.63 30.33 -2.41
C GLU C 53 -8.95 29.75 -1.18
N THR C 54 -8.29 30.60 -0.40
CA THR C 54 -7.59 30.13 0.79
C THR C 54 -8.23 30.71 2.03
N GLN C 55 -8.72 29.84 2.91
CA GLN C 55 -9.04 30.20 4.29
C GLN C 55 -8.06 29.48 5.20
N THR C 56 -7.73 30.12 6.32
CA THR C 56 -6.58 29.72 7.12
C THR C 56 -6.69 30.22 8.55
N VAL C 57 -6.51 29.32 9.52
CA VAL C 57 -6.58 29.61 10.94
C VAL C 57 -5.24 29.30 11.60
N LEU C 58 -4.79 30.21 12.44
CA LEU C 58 -3.55 30.11 13.15
C LEU C 58 -3.90 30.02 14.61
N SER C 59 -3.06 29.35 15.37
CA SER C 59 -3.35 29.09 16.78
C SER C 59 -2.04 28.59 17.37
N LYS C 60 -2.05 28.37 18.68
CA LYS C 60 -0.85 28.02 19.41
C LYS C 60 -1.03 26.65 20.03
N ASP C 61 0.06 25.93 20.12
CA ASP C 61 0.12 24.77 21.00
C ASP C 61 0.44 25.26 22.40
N PRO C 62 -0.47 25.11 23.35
CA PRO C 62 -0.17 25.56 24.72
C PRO C 62 0.89 24.70 25.39
N ASN C 63 1.15 23.48 24.87
CA ASN C 63 2.23 22.68 25.44
C ASN C 63 3.60 23.18 25.00
N GLU C 64 3.66 23.89 23.89
CA GLU C 64 4.93 24.31 23.32
C GLU C 64 5.41 25.61 23.94
N LYS C 65 6.64 25.58 24.47
CA LYS C 65 7.31 26.79 24.93
C LYS C 65 8.26 27.39 23.89
N ARG C 66 8.65 26.63 22.88
CA ARG C 66 9.41 27.22 21.79
C ARG C 66 8.51 28.18 21.01
N ASP C 67 9.12 29.08 20.24
CA ASP C 67 8.31 29.95 19.40
C ASP C 67 7.72 29.15 18.24
N HIS C 68 6.41 29.28 18.02
CA HIS C 68 5.75 28.36 17.09
C HIS C 68 4.48 28.99 16.53
N MET C 69 3.89 28.28 15.56
CA MET C 69 2.65 28.67 14.91
C MET C 69 1.94 27.41 14.43
N VAL C 70 0.72 27.18 14.94
CA VAL C 70 -0.18 26.14 14.41
C VAL C 70 -1.04 26.73 13.31
N LEU C 71 -1.16 25.98 12.22
CA LEU C 71 -1.88 26.35 11.01
C LEU C 71 -2.89 25.28 10.63
N LEU C 72 -4.09 25.71 10.27
CA LEU C 72 -5.01 24.83 9.58
C LEU C 72 -5.44 25.52 8.29
N GLU C 73 -5.43 24.79 7.17
CA GLU C 73 -5.89 25.43 5.93
C GLU C 73 -6.76 24.51 5.11
N PHE C 74 -7.71 25.17 4.43
CA PHE C 74 -8.58 24.60 3.40
C PHE C 74 -8.40 25.48 2.16
N VAL C 75 -7.80 24.90 1.13
CA VAL C 75 -7.43 25.61 -0.09
C VAL C 75 -8.20 24.94 -1.21
N THR C 76 -8.81 25.74 -2.07
CA THR C 76 -9.66 25.14 -3.07
C THR C 76 -9.82 26.10 -4.26
N ALA C 77 -9.73 25.55 -5.47
CA ALA C 77 -9.74 26.32 -6.71
C ALA C 77 -11.15 26.55 -7.25
N ALA C 78 -11.31 27.65 -7.99
CA ALA C 78 -12.61 28.06 -8.53
C ALA C 78 -12.41 28.93 -9.77
N GLY C 79 -13.51 29.21 -10.45
CA GLY C 79 -13.47 30.19 -11.51
C GLY C 79 -13.63 29.62 -12.91
N GLU C 102 -1.67 12.10 -8.71
CA GLU C 102 -1.76 10.72 -8.17
C GLU C 102 -1.06 10.57 -6.88
N LEU C 103 0.06 11.26 -6.68
CA LEU C 103 0.62 11.18 -5.34
C LEU C 103 -0.14 12.00 -4.32
N PHE C 104 -1.31 12.51 -4.66
CA PHE C 104 -2.05 13.35 -3.74
C PHE C 104 -3.41 12.78 -3.41
N THR C 105 -3.68 11.56 -3.86
CA THR C 105 -4.96 10.92 -3.60
C THR C 105 -5.15 10.61 -2.13
N GLY C 106 -4.10 10.79 -1.32
CA GLY C 106 -4.19 10.55 0.10
C GLY C 106 -3.40 11.50 0.99
N VAL C 107 -3.14 11.07 2.23
CA VAL C 107 -2.42 11.89 3.19
C VAL C 107 -0.94 11.82 2.88
N VAL C 108 -0.38 12.94 2.42
CA VAL C 108 1.05 13.05 2.17
C VAL C 108 1.68 13.72 3.38
N PRO C 109 2.83 13.26 3.87
CA PRO C 109 3.55 14.02 4.90
C PRO C 109 4.25 15.24 4.30
N ILE C 110 4.57 16.18 5.18
CA ILE C 110 5.15 17.45 4.78
C ILE C 110 6.28 17.82 5.69
N LEU C 111 7.41 18.18 5.11
CA LEU C 111 8.51 18.81 5.83
C LEU C 111 8.70 20.19 5.23
N VAL C 112 8.71 21.21 6.08
CA VAL C 112 8.96 22.57 5.61
C VAL C 112 10.19 23.11 6.32
N GLU C 113 11.09 23.71 5.54
CA GLU C 113 12.33 24.31 6.03
C GLU C 113 12.47 25.67 5.37
N LEU C 114 12.45 26.72 6.20
CA LEU C 114 12.70 28.09 5.78
C LEU C 114 14.02 28.49 6.38
N ASP C 115 14.93 29.04 5.57
CA ASP C 115 16.11 29.72 6.08
C ASP C 115 16.00 31.19 5.68
N GLY C 116 16.02 32.07 6.68
CA GLY C 116 15.88 33.48 6.40
C GLY C 116 16.83 34.35 7.19
N ASP C 117 17.07 35.57 6.68
CA ASP C 117 17.50 36.68 7.50
C ASP C 117 16.80 37.95 7.04
N VAL C 118 16.31 38.71 8.01
CA VAL C 118 15.61 39.96 7.76
C VAL C 118 16.43 41.04 8.45
N ASN C 119 16.99 41.97 7.66
CA ASN C 119 17.94 42.96 8.17
C ASN C 119 19.04 42.28 9.00
N GLY C 120 19.63 41.24 8.43
CA GLY C 120 20.69 40.55 9.13
C GLY C 120 20.23 39.64 10.25
N HIS C 121 18.96 39.72 10.67
CA HIS C 121 18.44 38.77 11.64
C HIS C 121 18.43 37.35 11.08
N LYS C 122 19.41 36.52 11.39
CA LYS C 122 19.37 35.17 10.83
C LYS C 122 18.47 34.28 11.69
N PHE C 123 17.58 33.52 11.04
CA PHE C 123 16.58 32.71 11.73
C PHE C 123 16.15 31.56 10.84
N SER C 124 15.61 30.51 11.47
CA SER C 124 15.09 29.35 10.76
C SER C 124 13.73 28.93 11.29
N VAL C 125 12.86 28.45 10.40
CA VAL C 125 11.57 27.91 10.79
C VAL C 125 11.52 26.49 10.26
N ARG C 126 11.07 25.56 11.11
CA ARG C 126 10.92 24.16 10.74
C ARG C 126 9.47 23.74 10.88
N GLY C 127 8.95 23.07 9.86
CA GLY C 127 7.56 22.68 9.88
C GLY C 127 7.25 21.26 9.44
N GLU C 128 6.40 20.61 10.21
CA GLU C 128 5.96 19.25 9.98
C GLU C 128 4.46 19.23 9.96
N GLY C 129 3.91 18.25 9.27
CA GLY C 129 2.49 18.05 9.25
C GLY C 129 2.12 17.16 8.09
N GLU C 130 0.82 17.05 7.88
CA GLU C 130 0.33 16.23 6.80
C GLU C 130 -0.53 17.12 5.92
N GLY C 131 -0.70 16.68 4.67
CA GLY C 131 -1.51 17.37 3.69
C GLY C 131 -2.32 16.40 2.85
N ASP C 132 -3.62 16.63 2.84
CA ASP C 132 -4.57 15.84 2.07
C ASP C 132 -5.14 16.73 0.99
N ALA C 133 -4.71 16.50 -0.24
CA ALA C 133 -5.24 17.33 -1.31
C ALA C 133 -6.70 16.99 -1.58
N THR C 134 -7.16 15.77 -1.24
CA THR C 134 -8.51 15.35 -1.59
C THR C 134 -9.57 16.21 -0.95
N ILE C 135 -9.23 16.86 0.16
CA ILE C 135 -10.08 17.86 0.77
C ILE C 135 -9.41 19.22 0.83
N GLY C 136 -8.21 19.36 0.25
CA GLY C 136 -7.50 20.64 0.27
C GLY C 136 -7.13 21.10 1.66
N LYS C 137 -6.82 20.17 2.56
CA LYS C 137 -6.57 20.52 3.93
C LYS C 137 -5.07 20.49 4.18
N LEU C 138 -4.58 21.53 4.83
CA LEU C 138 -3.22 21.56 5.32
C LEU C 138 -3.27 21.76 6.82
N THR C 139 -2.63 20.84 7.55
CA THR C 139 -2.31 21.01 8.97
C THR C 139 -0.81 20.87 9.15
N LEU C 140 -0.18 21.96 9.58
CA LEU C 140 1.25 22.07 9.76
C LEU C 140 1.52 22.80 11.07
N LYS C 141 2.55 22.39 11.78
CA LYS C 141 3.02 23.11 12.96
C LYS C 141 4.43 23.54 12.67
N PHE C 142 4.70 24.83 12.85
CA PHE C 142 5.99 25.41 12.53
C PHE C 142 6.68 25.80 13.83
N ILE C 143 8.00 25.68 13.84
CA ILE C 143 8.80 26.01 15.01
C ILE C 143 9.98 26.86 14.57
N CYS C 144 10.26 27.91 15.34
CA CYS C 144 11.45 28.72 15.16
C CYS C 144 12.61 28.01 15.85
N THR C 145 13.50 27.44 15.04
CA THR C 145 14.63 26.63 15.48
C THR C 145 15.75 27.41 16.15
N THR C 146 15.86 28.70 15.88
CA THR C 146 17.02 29.44 16.36
C THR C 146 16.67 30.43 17.47
N GLY C 147 15.62 30.16 18.22
CA GLY C 147 15.23 31.07 19.28
C GLY C 147 13.99 31.89 18.98
N LYS C 148 14.10 33.23 19.02
CA LYS C 148 12.93 34.06 18.84
C LYS C 148 12.79 34.36 17.36
N LEU C 149 11.56 34.29 16.85
CA LEU C 149 11.31 34.63 15.46
C LEU C 149 11.41 36.13 15.32
N PRO C 150 12.24 36.66 14.44
CA PRO C 150 12.48 38.11 14.39
C PRO C 150 11.47 38.89 13.54
N VAL C 151 10.40 38.23 13.11
CA VAL C 151 9.29 38.83 12.37
C VAL C 151 7.99 38.22 12.86
N PRO C 152 6.86 38.88 12.61
CA PRO C 152 5.58 38.29 13.05
C PRO C 152 5.23 37.03 12.25
N TRP C 153 4.70 36.03 12.95
CA TRP C 153 4.33 34.78 12.30
C TRP C 153 3.42 34.96 11.10
N PRO C 154 2.46 35.89 11.11
CA PRO C 154 1.61 36.05 9.92
C PRO C 154 2.31 36.44 8.64
N THR C 155 3.40 37.23 8.71
CA THR C 155 4.10 37.71 7.50
C THR C 155 4.87 36.62 6.81
N LEU C 156 4.93 35.42 7.43
CA LEU C 156 5.60 34.24 6.91
C LEU C 156 4.64 33.11 6.64
N VAL C 157 3.33 33.36 6.66
CA VAL C 157 2.38 32.29 6.41
C VAL C 157 2.41 31.90 4.94
N THR C 158 2.29 32.89 4.06
CA THR C 158 2.29 32.59 2.62
C THR C 158 3.63 32.06 2.15
N THR C 159 4.69 32.17 2.95
CA THR C 159 5.96 31.62 2.49
C THR C 159 6.11 30.18 2.93
N LEU C 160 5.75 29.88 4.19
CA LEU C 160 5.89 28.55 4.74
C LEU C 160 4.78 27.64 4.16
N VAL C 162 2.63 25.51 -0.05
CA VAL C 162 2.70 24.16 -0.58
C VAL C 162 1.38 23.92 -1.35
N GLN C 163 1.16 24.85 -2.25
CA GLN C 163 -0.08 24.97 -2.98
C GLN C 163 -0.36 23.77 -3.88
N CYS C 164 0.53 22.78 -3.89
CA CYS C 164 0.26 21.53 -4.60
C CYS C 164 -0.76 20.65 -3.88
N PHE C 165 -1.25 21.08 -2.71
CA PHE C 165 -2.32 20.42 -1.96
C PHE C 165 -3.70 21.05 -2.16
N SER C 166 -3.79 22.08 -2.97
CA SER C 166 -5.05 22.73 -3.21
C SER C 166 -6.03 21.79 -3.87
N ARG C 167 -7.27 21.79 -3.38
CA ARG C 167 -8.31 20.95 -4.00
C ARG C 167 -8.84 21.56 -5.29
N TYR C 168 -8.72 20.82 -6.36
CA TYR C 168 -9.36 21.14 -7.63
C TYR C 168 -10.57 20.24 -7.83
N PRO C 169 -11.74 20.80 -8.15
CA PRO C 169 -12.84 19.97 -8.66
C PRO C 169 -12.42 19.17 -9.88
N ASP C 170 -13.30 18.26 -10.31
CA ASP C 170 -12.98 17.40 -11.45
C ASP C 170 -13.04 18.16 -12.78
N HIS C 171 -14.00 19.09 -12.93
CA HIS C 171 -13.98 19.88 -14.15
C HIS C 171 -12.81 20.82 -14.17
N MET C 172 -12.07 20.87 -13.06
CA MET C 172 -10.88 21.70 -12.89
C MET C 172 -9.60 20.90 -12.88
N LYS C 173 -9.68 19.57 -12.93
CA LYS C 173 -8.49 18.74 -12.74
C LYS C 173 -7.41 19.05 -13.77
N ARG C 174 -7.79 19.66 -14.88
CA ARG C 174 -6.95 19.99 -16.02
C ARG C 174 -6.08 21.24 -15.81
N HIS C 175 -6.33 22.03 -14.77
CA HIS C 175 -5.62 23.28 -14.52
C HIS C 175 -4.71 23.24 -13.30
N ASP C 176 -4.34 22.04 -12.84
CA ASP C 176 -3.53 21.90 -11.65
C ASP C 176 -2.06 21.78 -12.04
N PHE C 177 -1.48 22.94 -12.37
CA PHE C 177 -0.05 23.05 -12.61
C PHE C 177 0.74 22.33 -11.52
N PHE C 178 0.44 22.65 -10.26
CA PHE C 178 1.29 22.20 -9.16
C PHE C 178 1.45 20.69 -9.15
N LYS C 179 0.34 19.96 -9.22
CA LYS C 179 0.45 18.51 -9.16
C LYS C 179 1.12 17.99 -10.40
N SER C 180 0.81 18.57 -11.56
CA SER C 180 1.36 18.04 -12.81
C SER C 180 2.85 18.27 -12.92
N THR C 181 3.51 18.94 -11.97
CA THR C 181 4.97 19.03 -11.95
C THR C 181 5.59 18.04 -10.97
N MET C 182 4.83 17.10 -10.45
CA MET C 182 5.37 16.31 -9.36
C MET C 182 5.79 14.94 -9.88
N PRO C 183 6.71 14.25 -9.19
CA PRO C 183 7.39 14.52 -7.92
C PRO C 183 8.67 15.33 -8.11
N GLU C 184 8.87 15.76 -9.37
CA GLU C 184 10.07 16.52 -9.70
C GLU C 184 10.05 17.86 -8.98
N GLY C 185 8.89 18.47 -8.92
CA GLY C 185 8.68 19.66 -8.16
C GLY C 185 8.71 20.89 -9.04
N TYR C 186 8.73 22.03 -8.36
CA TYR C 186 8.75 23.33 -9.02
C TYR C 186 9.49 24.29 -8.13
N VAL C 187 9.87 25.43 -8.70
CA VAL C 187 10.54 26.49 -7.94
C VAL C 187 9.58 27.67 -7.81
N GLN C 188 9.32 28.07 -6.58
CA GLN C 188 8.42 29.18 -6.29
C GLN C 188 9.21 30.40 -5.86
N GLU C 189 8.98 31.52 -6.54
CA GLU C 189 9.74 32.74 -6.29
C GLU C 189 8.80 33.92 -6.13
N ARG C 190 9.06 34.71 -5.09
CA ARG C 190 8.17 35.78 -4.66
C ARG C 190 8.94 36.92 -4.04
N THR C 191 8.49 38.11 -4.36
CA THR C 191 8.88 39.30 -3.64
C THR C 191 7.63 39.68 -2.86
N ILE C 192 7.76 39.83 -1.55
CA ILE C 192 6.64 40.23 -0.69
C ILE C 192 6.99 41.60 -0.11
N SER C 193 6.38 42.69 -0.62
CA SER C 193 6.69 44.05 -0.18
C SER C 193 5.56 44.55 0.70
N PHE C 194 5.93 45.06 1.86
CA PHE C 194 5.02 45.63 2.85
C PHE C 194 5.05 47.14 2.69
N ARG C 195 3.90 47.75 2.41
CA ARG C 195 3.86 49.15 2.02
C ARG C 195 4.44 50.01 3.12
N ASP C 196 5.21 51.01 2.71
CA ASP C 196 5.92 51.92 3.62
C ASP C 196 6.98 51.19 4.45
N ASP C 197 7.46 50.03 4.01
CA ASP C 197 8.46 49.30 4.79
C ASP C 197 9.23 48.35 3.86
N GLY C 198 9.87 47.33 4.44
CA GLY C 198 10.78 46.46 3.71
C GLY C 198 10.06 45.44 2.86
N LYS C 199 10.79 44.36 2.52
CA LYS C 199 10.34 43.38 1.55
C LYS C 199 11.11 42.09 1.68
N TYR C 200 10.41 40.97 1.53
CA TYR C 200 11.00 39.65 1.45
C TYR C 200 11.16 39.29 -0.01
N LYS C 201 12.21 38.55 -0.29
CA LYS C 201 12.40 37.92 -1.59
C LYS C 201 12.64 36.48 -1.24
N THR C 202 11.72 35.60 -1.63
CA THR C 202 11.75 34.20 -1.19
C THR C 202 12.06 33.32 -2.40
N ARG C 203 12.80 32.25 -2.13
CA ARG C 203 13.04 31.19 -3.10
C ARG C 203 12.76 29.86 -2.43
N ALA C 204 11.99 29.01 -3.13
CA ALA C 204 11.55 27.75 -2.55
C ALA C 204 11.62 26.64 -3.58
N VAL C 205 12.10 25.47 -3.15
CA VAL C 205 12.05 24.25 -3.95
C VAL C 205 11.01 23.33 -3.32
N VAL C 206 9.92 23.11 -4.04
CA VAL C 206 8.82 22.26 -3.57
C VAL C 206 8.84 20.97 -4.41
N LYS C 207 9.29 19.87 -3.82
CA LYS C 207 9.41 18.60 -4.52
C LYS C 207 9.07 17.46 -3.57
N PHE C 208 8.93 16.26 -4.12
CA PHE C 208 8.84 15.06 -3.30
C PHE C 208 10.22 14.55 -2.96
N GLU C 209 10.34 14.02 -1.78
CA GLU C 209 11.61 13.51 -1.31
C GLU C 209 11.26 12.25 -0.53
N GLY C 210 11.11 11.15 -1.27
CA GLY C 210 10.83 9.85 -0.71
C GLY C 210 9.44 9.74 -0.10
N ASP C 211 8.45 10.19 -0.85
CA ASP C 211 7.07 10.13 -0.39
C ASP C 211 6.90 10.90 0.92
N THR C 212 7.53 12.08 0.99
CA THR C 212 7.10 13.16 1.86
C THR C 212 7.30 14.43 1.07
N LEU C 213 6.35 15.33 1.11
CA LEU C 213 6.50 16.56 0.34
C LEU C 213 7.34 17.54 1.13
N VAL C 214 8.35 18.12 0.49
CA VAL C 214 9.27 19.02 1.17
C VAL C 214 9.24 20.39 0.51
N ASN C 215 9.29 21.40 1.37
CA ASN C 215 9.36 22.80 0.96
C ASN C 215 10.61 23.39 1.58
N ARG C 216 11.66 23.53 0.78
CA ARG C 216 12.90 24.16 1.22
C ARG C 216 12.94 25.57 0.66
N VAL C 217 13.01 26.56 1.55
CA VAL C 217 12.82 27.95 1.19
C VAL C 217 13.91 28.79 1.82
N GLU C 218 14.44 29.70 1.04
CA GLU C 218 15.23 30.79 1.58
C GLU C 218 14.45 32.09 1.47
N LEU C 219 14.73 32.98 2.42
CA LEU C 219 14.04 34.26 2.49
C LEU C 219 15.00 35.36 2.92
N LYS C 220 15.20 36.35 2.05
CA LYS C 220 16.00 37.52 2.40
C LYS C 220 15.09 38.74 2.39
N GLY C 221 14.93 39.35 3.57
CA GLY C 221 14.24 40.63 3.70
C GLY C 221 15.24 41.76 3.88
N THR C 222 14.97 42.88 3.22
CA THR C 222 15.86 44.04 3.16
C THR C 222 15.05 45.30 3.41
N ASP C 223 15.77 46.35 3.85
CA ASP C 223 15.23 47.71 4.01
C ASP C 223 14.06 47.73 4.98
N PHE C 224 14.11 46.95 6.02
CA PHE C 224 13.00 46.95 6.94
C PHE C 224 13.23 48.01 8.00
N LYS C 225 12.17 48.74 8.35
CA LYS C 225 12.29 49.75 9.40
C LYS C 225 12.60 49.05 10.71
N GLU C 226 13.74 49.36 11.33
CA GLU C 226 14.12 48.66 12.56
C GLU C 226 13.12 48.74 13.70
N ASP C 227 12.03 49.48 13.52
CA ASP C 227 10.99 49.39 14.52
C ASP C 227 9.74 49.94 13.86
N GLY C 228 9.43 49.34 12.73
CA GLY C 228 8.17 49.47 12.04
C GLY C 228 7.27 48.31 12.41
N ASN C 229 6.21 48.13 11.61
CA ASN C 229 5.21 47.13 11.96
C ASN C 229 5.84 45.77 12.07
N ILE C 230 6.78 45.46 11.20
CA ILE C 230 7.33 44.10 11.14
C ILE C 230 8.40 43.89 12.19
N LEU C 231 9.51 44.62 12.11
CA LEU C 231 10.58 44.40 13.09
C LEU C 231 10.19 44.90 14.48
N GLY C 232 9.27 45.84 14.58
CA GLY C 232 8.73 46.23 15.85
C GLY C 232 7.65 45.34 16.42
N HIS C 233 7.27 44.27 15.72
CA HIS C 233 6.23 43.30 16.14
C HIS C 233 4.93 43.99 16.54
N LYS C 234 4.30 44.62 15.55
CA LYS C 234 3.08 45.35 15.81
C LYS C 234 1.87 44.75 15.12
N LEU C 235 1.96 43.52 14.62
CA LEU C 235 0.84 42.88 13.95
C LEU C 235 0.17 41.91 14.89
N GLU C 236 -1.17 41.93 14.89
CA GLU C 236 -1.99 40.93 15.58
C GLU C 236 -1.77 39.53 14.98
N TYR C 237 -2.15 38.50 15.74
CA TYR C 237 -1.83 37.12 15.36
C TYR C 237 -3.07 36.43 14.78
N ASN C 238 -3.31 36.62 13.47
CA ASN C 238 -4.36 35.97 12.67
C ASN C 238 -4.33 36.47 11.21
N PHE C 239 -5.15 35.82 10.35
CA PHE C 239 -5.62 36.35 9.01
C PHE C 239 -7.10 36.71 8.89
N HIS D 5 -10.04 34.74 5.21
CA HIS D 5 -10.44 34.38 3.85
C HIS D 5 -9.70 35.18 2.83
N GLN D 6 -9.22 34.49 1.78
CA GLN D 6 -8.37 35.10 0.78
C GLN D 6 -8.42 34.32 -0.53
N LYS D 7 -8.43 35.07 -1.66
CA LYS D 7 -8.51 34.58 -3.03
C LYS D 7 -7.28 34.95 -3.86
N LEU D 8 -6.91 34.08 -4.80
CA LEU D 8 -5.65 34.25 -5.50
C LEU D 8 -5.83 33.96 -6.99
N VAL D 9 -5.38 34.84 -7.84
CA VAL D 9 -5.56 34.62 -9.24
C VAL D 9 -4.29 34.25 -9.92
N PHE D 10 -4.22 33.10 -10.57
CA PHE D 10 -3.02 32.63 -11.24
C PHE D 10 -3.14 32.59 -12.73
N PHE D 11 -2.21 33.20 -13.46
CA PHE D 11 -2.21 33.16 -14.93
C PHE D 11 -1.05 32.38 -15.49
N ALA D 12 -0.67 32.68 -16.70
CA ALA D 12 0.41 31.97 -17.31
C ALA D 12 1.00 32.82 -18.37
N GLU D 13 2.24 32.56 -18.74
CA GLU D 13 2.82 33.45 -19.74
C GLU D 13 2.73 32.87 -21.15
N ASP D 14 2.57 31.56 -21.28
CA ASP D 14 2.70 30.88 -22.57
C ASP D 14 1.42 30.20 -23.06
N ARG E 11 -18.52 -21.43 -12.55
CA ARG E 11 -18.37 -22.58 -11.67
C ARG E 11 -17.44 -22.26 -10.51
N ILE E 12 -17.48 -23.05 -9.43
CA ILE E 12 -16.63 -22.84 -8.25
C ILE E 12 -15.93 -24.15 -7.84
N PHE E 13 -14.90 -23.99 -7.00
CA PHE E 13 -13.87 -25.01 -6.76
C PHE E 13 -13.54 -25.16 -5.28
N ALA E 14 -13.18 -26.37 -4.87
CA ALA E 14 -12.70 -26.57 -3.51
C ALA E 14 -11.75 -27.75 -3.46
N ILE E 15 -10.67 -27.56 -2.70
CA ILE E 15 -9.59 -28.53 -2.60
C ILE E 15 -9.31 -28.74 -1.10
N PHE E 16 -9.43 -29.98 -0.62
CA PHE E 16 -9.20 -30.25 0.80
C PHE E 16 -8.85 -31.73 1.00
N THR E 17 -8.38 -32.05 2.21
CA THR E 17 -7.94 -33.39 2.56
C THR E 17 -8.61 -33.82 3.85
N VAL E 18 -9.27 -34.97 3.82
CA VAL E 18 -9.94 -35.54 4.99
C VAL E 18 -9.02 -36.57 5.64
N ARG E 19 -8.96 -36.54 6.97
CA ARG E 19 -8.26 -37.58 7.73
C ARG E 19 -9.29 -38.59 8.25
N HIS E 20 -9.03 -39.85 8.00
CA HIS E 20 -9.84 -40.95 8.49
C HIS E 20 -8.97 -41.78 9.40
N ASN E 21 -9.49 -42.07 10.60
CA ASN E 21 -8.79 -42.91 11.57
C ASN E 21 -8.73 -44.36 11.12
N VAL E 22 -7.56 -44.98 11.30
CA VAL E 22 -7.34 -46.39 10.98
C VAL E 22 -7.32 -47.23 12.26
N GLU E 23 -7.50 -48.55 12.11
CA GLU E 23 -7.45 -49.47 13.26
C GLU E 23 -6.06 -49.54 13.91
N ASP E 24 -4.98 -49.64 13.12
CA ASP E 24 -3.65 -49.80 13.71
C ASP E 24 -3.07 -48.49 14.24
N GLY E 25 -3.90 -47.47 14.49
CA GLY E 25 -3.39 -46.19 14.92
C GLY E 25 -3.03 -45.24 13.80
N SER E 26 -2.74 -45.76 12.60
CA SER E 26 -2.38 -44.94 11.45
C SER E 26 -3.52 -44.00 11.06
N VAL E 27 -3.29 -43.17 10.05
CA VAL E 27 -4.33 -42.32 9.48
C VAL E 27 -4.36 -42.56 7.98
N GLN E 28 -5.55 -42.55 7.40
CA GLN E 28 -5.69 -42.68 5.97
C GLN E 28 -6.17 -41.34 5.46
N LEU E 29 -5.39 -40.74 4.58
CA LEU E 29 -5.63 -39.39 4.11
C LEU E 29 -6.35 -39.47 2.77
N ALA E 30 -7.36 -38.63 2.60
CA ALA E 30 -8.21 -38.64 1.41
C ALA E 30 -8.25 -37.22 0.83
N ASP E 31 -7.47 -37.00 -0.24
CA ASP E 31 -7.40 -35.70 -0.87
C ASP E 31 -8.64 -35.48 -1.74
N HIS E 32 -9.27 -34.30 -1.61
CA HIS E 32 -10.52 -33.97 -2.27
C HIS E 32 -10.33 -32.83 -3.24
N TYR E 33 -10.59 -33.10 -4.51
CA TYR E 33 -10.74 -32.09 -5.55
C TYR E 33 -12.19 -32.02 -5.96
N GLN E 34 -12.81 -30.86 -5.73
CA GLN E 34 -14.23 -30.63 -5.95
C GLN E 34 -14.45 -29.44 -6.87
N GLN E 35 -15.40 -29.59 -7.80
CA GLN E 35 -15.90 -28.43 -8.56
C GLN E 35 -17.42 -28.48 -8.66
N ASN E 36 -18.03 -27.30 -8.78
CA ASN E 36 -19.48 -27.13 -8.82
C ASN E 36 -19.91 -26.24 -9.98
N THR E 37 -20.92 -26.70 -10.71
CA THR E 37 -21.37 -26.03 -11.91
C THR E 37 -22.87 -25.82 -11.84
N PRO E 38 -23.36 -24.59 -11.95
CA PRO E 38 -24.81 -24.40 -11.95
C PRO E 38 -25.40 -24.99 -13.20
N ILE E 39 -26.57 -25.61 -13.03
CA ILE E 39 -27.30 -26.17 -14.17
C ILE E 39 -28.11 -25.08 -14.86
N GLY E 40 -28.87 -24.30 -14.10
CA GLY E 40 -29.67 -23.26 -14.72
C GLY E 40 -28.80 -22.24 -15.44
N ASP E 41 -29.32 -21.73 -16.57
CA ASP E 41 -28.63 -20.74 -17.40
C ASP E 41 -28.80 -19.33 -16.86
N GLY E 42 -29.16 -19.18 -15.59
CA GLY E 42 -29.58 -17.92 -15.06
C GLY E 42 -28.52 -17.35 -14.16
N PRO E 43 -28.92 -16.43 -13.30
CA PRO E 43 -27.93 -15.77 -12.45
C PRO E 43 -27.60 -16.61 -11.23
N VAL E 44 -26.35 -16.52 -10.80
CA VAL E 44 -25.90 -17.18 -9.58
C VAL E 44 -24.99 -16.20 -8.85
N LEU E 45 -24.62 -16.58 -7.63
CA LEU E 45 -23.77 -15.75 -6.80
C LEU E 45 -22.34 -16.16 -7.08
N LEU E 46 -21.46 -15.18 -7.23
CA LEU E 46 -20.08 -15.51 -7.52
C LEU E 46 -19.25 -15.34 -6.25
N PRO E 47 -19.05 -16.40 -5.47
CA PRO E 47 -18.56 -16.22 -4.10
C PRO E 47 -17.09 -15.94 -3.99
N ASP E 48 -16.77 -14.98 -3.13
CA ASP E 48 -15.41 -14.73 -2.73
C ASP E 48 -14.88 -15.94 -1.99
N ASN E 49 -13.58 -15.95 -1.74
CA ASN E 49 -12.99 -16.95 -0.86
C ASN E 49 -13.60 -16.87 0.54
N HIS E 50 -14.12 -18.01 1.01
CA HIS E 50 -14.64 -18.20 2.36
C HIS E 50 -14.53 -19.67 2.74
N VAL E 51 -14.66 -19.98 4.04
CA VAL E 51 -14.56 -21.35 4.54
C VAL E 51 -15.91 -21.92 4.99
N LEU E 52 -15.99 -23.25 4.97
CA LEU E 52 -17.10 -24.02 5.52
C LEU E 52 -16.60 -24.89 6.65
N GLU E 53 -17.14 -24.66 7.83
CA GLU E 53 -16.80 -25.44 9.01
C GLU E 53 -17.83 -26.56 9.10
N THR E 54 -17.36 -27.79 8.92
CA THR E 54 -18.22 -28.96 8.96
C THR E 54 -17.83 -29.82 10.16
N GLN E 55 -18.75 -30.01 11.08
CA GLN E 55 -18.61 -31.06 12.05
C GLN E 55 -19.67 -32.09 11.78
N THR E 56 -19.35 -33.34 12.10
CA THR E 56 -20.17 -34.45 11.66
C THR E 56 -19.91 -35.71 12.49
N VAL E 57 -20.99 -36.32 12.99
CA VAL E 57 -20.92 -37.53 13.81
C VAL E 57 -21.75 -38.62 13.15
N LEU E 58 -21.25 -39.84 13.25
CA LEU E 58 -21.88 -41.02 12.69
C LEU E 58 -22.32 -41.93 13.82
N SER E 59 -23.31 -42.75 13.54
CA SER E 59 -23.88 -43.65 14.54
C SER E 59 -24.75 -44.66 13.81
N LYS E 60 -25.26 -45.64 14.55
CA LYS E 60 -26.09 -46.69 14.00
C LYS E 60 -27.44 -46.68 14.68
N ASP E 61 -28.50 -47.03 13.95
CA ASP E 61 -29.77 -47.34 14.58
C ASP E 61 -29.68 -48.78 15.10
N PRO E 62 -29.77 -49.00 16.41
CA PRO E 62 -29.67 -50.36 16.89
C PRO E 62 -30.82 -51.24 16.42
N ASN E 63 -31.95 -50.64 16.03
CA ASN E 63 -33.06 -51.40 15.47
C ASN E 63 -32.91 -51.69 13.99
N GLU E 64 -32.04 -50.96 13.29
CA GLU E 64 -31.83 -51.22 11.88
C GLU E 64 -30.86 -52.38 11.71
N LYS E 65 -31.30 -53.38 10.94
CA LYS E 65 -30.51 -54.57 10.64
C LYS E 65 -29.72 -54.51 9.32
N ARG E 66 -30.17 -53.75 8.32
CA ARG E 66 -29.39 -53.61 7.09
C ARG E 66 -28.12 -52.81 7.36
N ASP E 67 -27.16 -52.93 6.46
CA ASP E 67 -25.95 -52.13 6.57
C ASP E 67 -26.32 -50.67 6.31
N HIS E 68 -25.99 -49.78 7.25
CA HIS E 68 -26.55 -48.42 7.22
C HIS E 68 -25.62 -47.46 7.96
N MET E 69 -25.97 -46.17 7.91
CA MET E 69 -25.20 -45.11 8.56
C MET E 69 -26.10 -43.92 8.91
N VAL E 70 -26.21 -43.59 10.20
CA VAL E 70 -26.88 -42.37 10.64
C VAL E 70 -25.88 -41.22 10.69
N LEU E 71 -26.34 -40.05 10.28
CA LEU E 71 -25.53 -38.85 10.19
C LEU E 71 -26.17 -37.74 10.99
N LEU E 72 -25.34 -36.99 11.73
CA LEU E 72 -25.73 -35.68 12.23
C LEU E 72 -24.65 -34.68 11.81
N GLU E 73 -25.06 -33.57 11.21
CA GLU E 73 -24.07 -32.64 10.69
C GLU E 73 -24.52 -31.18 10.87
N PHE E 74 -23.53 -30.33 11.15
CA PHE E 74 -23.68 -28.88 11.24
C PHE E 74 -22.67 -28.24 10.32
N VAL E 75 -23.13 -27.59 9.26
CA VAL E 75 -22.27 -26.95 8.29
C VAL E 75 -22.57 -25.46 8.32
N THR E 76 -21.52 -24.66 8.38
CA THR E 76 -21.68 -23.23 8.58
C THR E 76 -20.53 -22.54 7.87
N ALA E 77 -20.85 -21.50 7.12
CA ALA E 77 -19.83 -20.78 6.37
C ALA E 77 -19.19 -19.72 7.26
N ALA E 78 -17.92 -19.44 7.02
CA ALA E 78 -17.19 -18.46 7.80
C ALA E 78 -16.03 -17.96 6.95
N GLY E 79 -15.36 -16.93 7.43
CA GLY E 79 -14.11 -16.52 6.80
C GLY E 79 -13.97 -15.03 6.75
N PHE E 104 -35.55 -22.61 0.98
CA PHE E 104 -34.73 -23.02 2.14
C PHE E 104 -34.99 -22.39 3.51
N THR E 105 -36.09 -21.67 3.65
CA THR E 105 -36.40 -20.97 4.89
C THR E 105 -36.69 -21.90 6.04
N GLY E 106 -36.87 -23.20 5.78
CA GLY E 106 -37.23 -24.18 6.80
C GLY E 106 -36.63 -25.58 6.61
N VAL E 107 -37.32 -26.57 7.18
CA VAL E 107 -36.92 -27.97 7.08
C VAL E 107 -37.27 -28.51 5.70
N VAL E 108 -36.25 -28.88 4.94
CA VAL E 108 -36.43 -29.52 3.63
C VAL E 108 -36.22 -31.02 3.81
N PRO E 109 -36.99 -31.86 3.15
CA PRO E 109 -36.65 -33.28 3.10
C PRO E 109 -35.53 -33.54 2.11
N ILE E 110 -34.88 -34.69 2.28
CA ILE E 110 -33.73 -35.04 1.44
C ILE E 110 -33.82 -36.50 1.04
N LEU E 111 -33.62 -36.75 -0.25
CA LEU E 111 -33.41 -38.08 -0.80
C LEU E 111 -32.02 -38.12 -1.42
N VAL E 112 -31.22 -39.11 -1.03
CA VAL E 112 -29.90 -39.33 -1.58
C VAL E 112 -29.86 -40.72 -2.17
N GLU E 113 -29.35 -40.83 -3.39
CA GLU E 113 -29.23 -42.08 -4.12
C GLU E 113 -27.84 -42.12 -4.73
N LEU E 114 -27.05 -43.12 -4.34
CA LEU E 114 -25.73 -43.35 -4.89
C LEU E 114 -25.72 -44.66 -5.67
N ASP E 115 -25.13 -44.61 -6.86
CA ASP E 115 -24.72 -45.81 -7.59
C ASP E 115 -23.21 -45.79 -7.66
N GLY E 116 -22.57 -46.86 -7.15
CA GLY E 116 -21.13 -46.96 -7.17
C GLY E 116 -20.69 -48.35 -7.60
N ASP E 117 -19.47 -48.41 -8.13
CA ASP E 117 -18.68 -49.64 -8.16
C ASP E 117 -17.22 -49.29 -7.88
N VAL E 118 -16.61 -50.09 -7.03
CA VAL E 118 -15.23 -49.93 -6.62
C VAL E 118 -14.52 -51.26 -6.93
N ASN E 119 -13.54 -51.21 -7.83
CA ASN E 119 -12.93 -52.42 -8.37
C ASN E 119 -14.00 -53.38 -8.83
N GLY E 120 -15.01 -52.83 -9.50
CA GLY E 120 -16.12 -53.62 -9.97
C GLY E 120 -17.10 -54.04 -8.91
N HIS E 121 -16.77 -53.96 -7.62
CA HIS E 121 -17.75 -54.20 -6.56
C HIS E 121 -18.81 -53.11 -6.61
N LYS E 122 -19.96 -53.42 -7.21
CA LYS E 122 -21.08 -52.51 -7.35
C LYS E 122 -21.97 -52.49 -6.10
N PHE E 123 -22.52 -51.32 -5.79
CA PHE E 123 -23.35 -51.16 -4.61
C PHE E 123 -24.22 -49.92 -4.75
N SER E 124 -25.28 -49.86 -3.97
CA SER E 124 -26.15 -48.70 -3.95
C SER E 124 -26.42 -48.28 -2.52
N VAL E 125 -26.50 -46.97 -2.29
CA VAL E 125 -26.88 -46.39 -1.01
C VAL E 125 -28.07 -45.48 -1.23
N ARG E 126 -29.07 -45.59 -0.37
CA ARG E 126 -30.23 -44.73 -0.38
C ARG E 126 -30.32 -44.01 0.95
N GLY E 127 -30.53 -42.72 0.92
CA GLY E 127 -30.50 -41.91 2.12
C GLY E 127 -31.67 -40.95 2.18
N GLU E 128 -32.25 -40.84 3.38
CA GLU E 128 -33.36 -39.95 3.64
C GLU E 128 -33.08 -39.15 4.89
N GLY E 129 -33.66 -37.96 4.96
CA GLY E 129 -33.52 -37.14 6.15
C GLY E 129 -33.90 -35.71 5.84
N GLU E 130 -33.67 -34.85 6.83
CA GLU E 130 -34.05 -33.46 6.76
C GLU E 130 -32.82 -32.58 6.83
N GLY E 131 -33.04 -31.35 6.44
CA GLY E 131 -32.02 -30.34 6.53
C GLY E 131 -32.66 -29.03 6.96
N ASP E 132 -32.12 -28.42 8.00
CA ASP E 132 -32.56 -27.10 8.43
C ASP E 132 -31.37 -26.21 8.12
N ALA E 133 -31.50 -25.43 7.05
CA ALA E 133 -30.44 -24.52 6.62
C ALA E 133 -30.29 -23.33 7.55
N THR E 134 -31.33 -22.99 8.32
CA THR E 134 -31.23 -21.84 9.20
C THR E 134 -30.17 -22.04 10.28
N ILE E 135 -29.93 -23.28 10.69
CA ILE E 135 -28.88 -23.61 11.65
C ILE E 135 -27.88 -24.59 11.09
N GLY E 136 -27.97 -24.92 9.81
CA GLY E 136 -27.02 -25.83 9.20
C GLY E 136 -27.04 -27.22 9.78
N LYS E 137 -28.22 -27.72 10.14
CA LYS E 137 -28.32 -29.02 10.79
C LYS E 137 -28.66 -30.03 9.71
N LEU E 138 -27.96 -31.16 9.72
CA LEU E 138 -28.30 -32.28 8.85
C LEU E 138 -28.61 -33.49 9.71
N THR E 139 -29.78 -34.08 9.49
CA THR E 139 -30.10 -35.38 10.05
C THR E 139 -30.41 -36.31 8.89
N LEU E 140 -29.55 -37.29 8.66
CA LEU E 140 -29.71 -38.20 7.53
C LEU E 140 -29.39 -39.63 7.95
N LYS E 141 -30.14 -40.59 7.40
CA LYS E 141 -29.88 -42.02 7.56
C LYS E 141 -29.68 -42.64 6.19
N PHE E 142 -28.60 -43.39 6.03
CA PHE E 142 -28.28 -43.98 4.74
C PHE E 142 -28.38 -45.48 4.85
N ILE E 143 -28.77 -46.12 3.76
CA ILE E 143 -28.96 -47.56 3.75
C ILE E 143 -28.33 -48.13 2.50
N CYS E 144 -27.64 -49.26 2.66
CA CYS E 144 -27.13 -50.04 1.54
C CYS E 144 -28.24 -50.93 0.98
N THR E 145 -28.68 -50.62 -0.23
CA THR E 145 -29.77 -51.33 -0.89
C THR E 145 -29.33 -52.70 -1.39
N THR E 146 -28.03 -52.93 -1.55
CA THR E 146 -27.56 -54.16 -2.15
C THR E 146 -26.86 -55.08 -1.15
N GLY E 147 -27.16 -54.93 0.13
CA GLY E 147 -26.56 -55.79 1.12
C GLY E 147 -25.45 -55.12 1.89
N LYS E 148 -24.25 -55.69 1.81
CA LYS E 148 -23.11 -55.16 2.52
C LYS E 148 -22.41 -54.12 1.67
N LEU E 149 -22.05 -53.01 2.29
CA LEU E 149 -21.28 -51.98 1.61
C LEU E 149 -19.85 -52.45 1.44
N PRO E 150 -19.27 -52.41 0.24
CA PRO E 150 -17.92 -52.95 0.02
C PRO E 150 -16.78 -51.98 0.33
N VAL E 151 -17.09 -50.79 0.84
CA VAL E 151 -16.13 -49.79 1.31
C VAL E 151 -16.68 -49.20 2.59
N PRO E 152 -15.81 -48.63 3.43
CA PRO E 152 -16.29 -48.09 4.70
C PRO E 152 -17.16 -46.83 4.58
N TRP E 153 -18.21 -46.81 5.40
CA TRP E 153 -19.16 -45.70 5.41
C TRP E 153 -18.49 -44.34 5.59
N PRO E 154 -17.44 -44.16 6.40
CA PRO E 154 -16.81 -42.84 6.44
C PRO E 154 -16.25 -42.37 5.11
N THR E 155 -15.75 -43.29 4.29
CA THR E 155 -15.19 -42.87 3.02
C THR E 155 -16.25 -42.37 2.08
N LEU E 156 -17.51 -42.52 2.47
CA LEU E 156 -18.63 -42.09 1.64
C LEU E 156 -19.39 -40.93 2.28
N VAL E 157 -18.86 -40.33 3.34
CA VAL E 157 -19.57 -39.25 4.00
C VAL E 157 -19.57 -38.00 3.15
N THR E 158 -18.41 -37.50 2.76
CA THR E 158 -18.34 -36.26 1.97
C THR E 158 -18.97 -36.40 0.59
N THR E 159 -19.28 -37.62 0.17
CA THR E 159 -19.91 -37.91 -1.10
C THR E 159 -21.44 -37.91 -0.95
N LEU E 160 -21.94 -38.54 0.10
CA LEU E 160 -23.40 -38.65 0.34
C LEU E 160 -23.87 -37.31 0.82
N VAL E 162 -24.64 -32.41 0.25
CA VAL E 162 -25.72 -31.44 0.01
C VAL E 162 -25.48 -30.06 0.64
N GLN E 163 -24.34 -29.46 0.28
CA GLN E 163 -23.81 -28.25 0.89
C GLN E 163 -24.69 -27.03 0.72
N CYS E 164 -25.80 -27.21 0.02
CA CYS E 164 -26.78 -26.14 0.01
C CYS E 164 -27.50 -25.99 1.34
N PHE E 165 -27.20 -26.82 2.32
CA PHE E 165 -27.78 -26.68 3.66
C PHE E 165 -26.86 -26.01 4.66
N SER E 166 -25.66 -25.60 4.26
CA SER E 166 -24.75 -24.91 5.15
C SER E 166 -25.31 -23.57 5.61
N ARG E 167 -25.18 -23.29 6.91
CA ARG E 167 -25.65 -22.02 7.47
C ARG E 167 -24.68 -20.91 7.09
N TYR E 168 -25.18 -19.90 6.38
CA TYR E 168 -24.42 -18.69 6.09
C TYR E 168 -24.91 -17.55 6.96
N PRO E 169 -24.03 -16.89 7.72
CA PRO E 169 -24.44 -15.64 8.40
C PRO E 169 -24.96 -14.59 7.43
N ASP E 170 -25.55 -13.52 8.01
CA ASP E 170 -26.23 -12.51 7.20
C ASP E 170 -25.25 -11.61 6.42
N HIS E 171 -24.06 -11.33 6.97
CA HIS E 171 -23.08 -10.55 6.22
C HIS E 171 -22.46 -11.31 5.06
N MET E 172 -22.67 -12.62 4.98
CA MET E 172 -22.12 -13.45 3.91
C MET E 172 -23.20 -13.97 2.97
N LYS E 173 -24.44 -13.49 3.11
CA LYS E 173 -25.55 -13.95 2.27
C LYS E 173 -25.23 -13.82 0.78
N ARG E 174 -24.24 -12.99 0.43
CA ARG E 174 -23.79 -12.73 -0.92
C ARG E 174 -22.92 -13.84 -1.49
N HIS E 175 -22.42 -14.76 -0.67
CA HIS E 175 -21.49 -15.76 -1.15
C HIS E 175 -22.03 -17.19 -1.10
N ASP E 176 -23.36 -17.33 -1.09
CA ASP E 176 -24.01 -18.63 -0.99
C ASP E 176 -24.30 -19.15 -2.40
N PHE E 177 -23.23 -19.52 -3.08
CA PHE E 177 -23.37 -20.08 -4.42
C PHE E 177 -24.41 -21.18 -4.42
N PHE E 178 -24.31 -22.10 -3.48
CA PHE E 178 -25.10 -23.31 -3.54
C PHE E 178 -26.58 -22.98 -3.68
N LYS E 179 -27.07 -22.05 -2.85
CA LYS E 179 -28.50 -21.73 -2.86
C LYS E 179 -28.90 -21.02 -4.13
N SER E 180 -28.06 -20.11 -4.63
CA SER E 180 -28.42 -19.30 -5.80
C SER E 180 -28.51 -20.11 -7.08
N THR E 181 -28.20 -21.41 -7.05
CA THR E 181 -28.40 -22.30 -8.19
C THR E 181 -29.72 -23.05 -8.10
N MET E 182 -30.61 -22.59 -7.26
CA MET E 182 -31.82 -23.34 -6.97
C MET E 182 -33.08 -22.70 -7.55
N PRO E 183 -34.13 -23.49 -7.81
CA PRO E 183 -34.31 -24.93 -7.61
C PRO E 183 -33.83 -25.69 -8.82
N GLU E 184 -33.22 -24.93 -9.73
CA GLU E 184 -32.74 -25.48 -10.99
C GLU E 184 -31.64 -26.52 -10.77
N GLY E 185 -30.78 -26.28 -9.78
CA GLY E 185 -29.78 -27.22 -9.31
C GLY E 185 -28.37 -26.90 -9.75
N TYR E 186 -27.47 -27.83 -9.43
CA TYR E 186 -26.04 -27.71 -9.75
C TYR E 186 -25.42 -29.10 -9.90
N VAL E 187 -24.24 -29.13 -10.51
CA VAL E 187 -23.50 -30.37 -10.70
C VAL E 187 -22.28 -30.33 -9.80
N GLN E 188 -22.19 -31.31 -8.90
CA GLN E 188 -21.06 -31.47 -8.01
C GLN E 188 -20.28 -32.63 -8.55
N GLU E 189 -19.00 -32.39 -8.79
CA GLU E 189 -18.17 -33.34 -9.52
C GLU E 189 -16.86 -33.31 -8.74
N ARG E 190 -16.34 -34.50 -8.41
CA ARG E 190 -15.25 -34.58 -7.44
C ARG E 190 -14.32 -35.73 -7.74
N THR E 191 -13.04 -35.52 -7.46
CA THR E 191 -12.09 -36.64 -7.35
C THR E 191 -11.64 -36.76 -5.90
N ILE E 192 -11.81 -37.94 -5.32
CA ILE E 192 -11.40 -38.24 -3.95
C ILE E 192 -10.26 -39.24 -4.00
N SER E 193 -9.05 -38.80 -3.64
CA SER E 193 -7.86 -39.65 -3.69
C SER E 193 -7.48 -40.13 -2.29
N PHE E 194 -7.49 -41.45 -2.09
CA PHE E 194 -7.12 -42.07 -0.83
C PHE E 194 -5.66 -42.48 -0.92
N ARG E 195 -4.83 -41.88 -0.08
CA ARG E 195 -3.37 -41.98 -0.23
C ARG E 195 -2.87 -43.40 -0.10
N ASP E 196 -1.92 -43.77 -0.97
CA ASP E 196 -1.31 -45.09 -1.02
C ASP E 196 -2.31 -46.19 -1.30
N ASP E 197 -3.43 -45.83 -1.93
CA ASP E 197 -4.53 -46.73 -2.27
C ASP E 197 -5.26 -46.16 -3.48
N GLY E 198 -6.53 -46.52 -3.65
CA GLY E 198 -7.31 -46.13 -4.81
C GLY E 198 -7.80 -44.69 -4.80
N LYS E 199 -8.86 -44.46 -5.58
CA LYS E 199 -9.37 -43.13 -5.85
C LYS E 199 -10.79 -43.24 -6.35
N TYR E 200 -11.67 -42.35 -5.88
CA TYR E 200 -13.04 -42.25 -6.37
C TYR E 200 -13.17 -41.11 -7.37
N LYS E 201 -14.07 -41.29 -8.35
CA LYS E 201 -14.53 -40.20 -9.21
C LYS E 201 -16.05 -40.20 -9.14
N THR E 202 -16.63 -39.12 -8.58
CA THR E 202 -18.06 -39.03 -8.31
C THR E 202 -18.70 -37.89 -9.11
N ARG E 203 -19.92 -38.14 -9.59
CA ARG E 203 -20.72 -37.12 -10.27
C ARG E 203 -22.10 -37.06 -9.66
N ALA E 204 -22.54 -35.84 -9.34
CA ALA E 204 -23.76 -35.64 -8.58
C ALA E 204 -24.60 -34.50 -9.15
N VAL E 205 -25.91 -34.73 -9.21
CA VAL E 205 -26.89 -33.70 -9.55
C VAL E 205 -27.65 -33.39 -8.28
N VAL E 206 -27.45 -32.20 -7.75
CA VAL E 206 -28.08 -31.79 -6.50
C VAL E 206 -29.12 -30.75 -6.87
N LYS E 207 -30.39 -31.14 -6.86
CA LYS E 207 -31.44 -30.23 -7.27
C LYS E 207 -32.67 -30.51 -6.44
N PHE E 208 -33.63 -29.62 -6.56
CA PHE E 208 -34.95 -29.81 -6.00
C PHE E 208 -35.82 -30.61 -6.97
N GLU E 209 -36.69 -31.40 -6.40
CA GLU E 209 -37.62 -32.16 -7.17
C GLU E 209 -38.90 -32.08 -6.35
N GLY E 210 -39.66 -31.02 -6.53
CA GLY E 210 -40.93 -31.03 -5.85
C GLY E 210 -40.88 -30.89 -4.35
N ASP E 211 -40.21 -29.86 -3.88
CA ASP E 211 -40.19 -29.55 -2.45
C ASP E 211 -39.58 -30.72 -1.65
N THR E 212 -38.62 -31.44 -2.25
CA THR E 212 -37.67 -32.27 -1.54
C THR E 212 -36.35 -32.15 -2.27
N LEU E 213 -35.26 -31.98 -1.50
CA LEU E 213 -33.95 -31.86 -2.08
C LEU E 213 -33.39 -33.25 -2.37
N VAL E 214 -32.85 -33.43 -3.57
CA VAL E 214 -32.33 -34.71 -4.04
C VAL E 214 -30.85 -34.60 -4.37
N ASN E 215 -30.10 -35.62 -3.98
CA ASN E 215 -28.70 -35.77 -4.30
C ASN E 215 -28.59 -37.11 -5.02
N ARG E 216 -28.51 -37.08 -6.34
CA ARG E 216 -28.32 -38.29 -7.13
C ARG E 216 -26.85 -38.32 -7.59
N VAL E 217 -26.14 -39.41 -7.28
CA VAL E 217 -24.68 -39.46 -7.43
C VAL E 217 -24.22 -40.75 -8.09
N GLU E 218 -23.34 -40.64 -9.07
CA GLU E 218 -22.57 -41.80 -9.52
C GLU E 218 -21.17 -41.72 -8.92
N LEU E 219 -20.59 -42.90 -8.70
CA LEU E 219 -19.28 -43.00 -8.10
C LEU E 219 -18.54 -44.14 -8.76
N LYS E 220 -17.39 -43.82 -9.34
CA LYS E 220 -16.50 -44.80 -9.92
C LYS E 220 -15.24 -44.80 -9.06
N GLY E 221 -14.98 -45.92 -8.40
CA GLY E 221 -13.73 -46.11 -7.69
C GLY E 221 -12.85 -47.05 -8.50
N THR E 222 -11.57 -46.69 -8.60
CA THR E 222 -10.65 -47.44 -9.44
C THR E 222 -9.33 -47.65 -8.70
N ASP E 223 -8.69 -48.78 -9.00
CA ASP E 223 -7.30 -49.02 -8.59
C ASP E 223 -7.11 -49.00 -7.07
N PHE E 224 -8.00 -49.69 -6.35
CA PHE E 224 -7.92 -49.83 -4.90
C PHE E 224 -7.19 -51.12 -4.52
N LYS E 225 -6.42 -51.06 -3.42
CA LYS E 225 -5.73 -52.23 -2.89
C LYS E 225 -6.74 -53.20 -2.28
N GLU E 226 -6.74 -54.45 -2.77
CA GLU E 226 -7.67 -55.44 -2.24
C GLU E 226 -7.49 -55.66 -0.74
N ASP E 227 -6.27 -55.56 -0.24
CA ASP E 227 -6.13 -55.64 1.22
C ASP E 227 -5.61 -54.32 1.74
N GLY E 228 -6.20 -53.24 1.27
CA GLY E 228 -5.90 -51.92 1.78
C GLY E 228 -6.95 -51.44 2.75
N ASN E 229 -6.81 -50.17 3.15
CA ASN E 229 -7.67 -49.64 4.19
C ASN E 229 -9.14 -49.64 3.77
N ILE E 230 -9.40 -49.42 2.49
CA ILE E 230 -10.78 -49.30 2.03
C ILE E 230 -11.39 -50.67 1.81
N LEU E 231 -10.86 -51.46 0.89
CA LEU E 231 -11.40 -52.79 0.66
C LEU E 231 -11.15 -53.75 1.82
N GLY E 232 -10.13 -53.50 2.63
CA GLY E 232 -9.99 -54.29 3.83
C GLY E 232 -10.91 -53.91 4.98
N HIS E 233 -11.71 -52.86 4.85
CA HIS E 233 -12.58 -52.44 5.93
C HIS E 233 -11.78 -52.34 7.21
N LYS E 234 -10.79 -51.46 7.17
CA LYS E 234 -9.86 -51.30 8.27
C LYS E 234 -9.99 -49.94 8.89
N LEU E 235 -11.09 -49.24 8.62
CA LEU E 235 -11.29 -47.88 9.12
C LEU E 235 -12.08 -47.94 10.40
N GLU E 236 -11.65 -47.19 11.39
CA GLU E 236 -12.45 -47.02 12.58
C GLU E 236 -13.74 -46.29 12.17
N TYR E 237 -14.80 -46.49 12.94
CA TYR E 237 -16.12 -46.01 12.55
C TYR E 237 -16.37 -44.66 13.21
N ASN E 238 -15.95 -43.58 12.54
CA ASN E 238 -16.06 -42.18 12.99
C ASN E 238 -15.72 -41.22 11.82
N HIS F 5 -13.77 -33.06 12.82
CA HIS F 5 -13.80 -31.62 12.50
C HIS F 5 -13.08 -31.35 11.22
N GLN F 6 -13.65 -30.52 10.35
CA GLN F 6 -13.10 -30.33 9.01
C GLN F 6 -13.39 -28.93 8.46
N LYS F 7 -12.38 -28.32 7.82
CA LYS F 7 -12.50 -27.02 7.18
C LYS F 7 -12.23 -27.12 5.68
N LEU F 8 -12.94 -26.27 4.92
CA LEU F 8 -12.99 -26.32 3.46
C LEU F 8 -12.97 -24.90 2.89
N VAL F 9 -12.10 -24.62 1.91
CA VAL F 9 -12.08 -23.30 1.27
C VAL F 9 -12.65 -23.42 -0.14
N PHE F 10 -13.68 -22.64 -0.43
CA PHE F 10 -14.25 -22.59 -1.77
C PHE F 10 -13.84 -21.28 -2.43
N PHE F 11 -13.41 -21.38 -3.70
CA PHE F 11 -12.99 -20.24 -4.53
C PHE F 11 -13.70 -20.22 -5.89
N ALA F 12 -13.56 -19.12 -6.61
CA ALA F 12 -14.17 -19.02 -7.93
C ALA F 12 -13.11 -18.70 -9.00
N GLU F 13 -13.38 -19.09 -10.24
CA GLU F 13 -12.49 -18.82 -11.39
C GLU F 13 -11.97 -17.38 -11.49
N ARG G 11 -22.38 33.98 -0.02
CA ARG G 11 -21.88 32.73 0.59
C ARG G 11 -20.97 32.93 1.80
N ILE G 12 -21.12 32.11 2.85
CA ILE G 12 -20.37 32.35 4.08
C ILE G 12 -19.67 31.08 4.56
N PHE G 13 -18.67 31.27 5.41
CA PHE G 13 -17.75 30.19 5.72
C PHE G 13 -17.42 30.14 7.21
N ALA G 14 -17.12 28.94 7.67
CA ALA G 14 -16.64 28.76 9.03
C ALA G 14 -15.68 27.59 9.01
N ILE G 15 -14.54 27.78 9.67
CA ILE G 15 -13.50 26.77 9.78
C ILE G 15 -13.16 26.65 11.24
N PHE G 16 -13.35 25.45 11.79
CA PHE G 16 -13.10 25.20 13.19
C PHE G 16 -12.77 23.72 13.34
N THR G 17 -12.31 23.36 14.53
CA THR G 17 -11.92 22.00 14.85
C THR G 17 -12.61 21.57 16.13
N VAL G 18 -13.31 20.47 16.07
CA VAL G 18 -14.01 19.89 17.21
C VAL G 18 -13.11 18.84 17.83
N ARG G 19 -13.02 18.82 19.16
CA ARG G 19 -12.26 17.79 19.87
C ARG G 19 -13.19 16.70 20.40
N HIS G 20 -12.84 15.44 20.12
CA HIS G 20 -13.59 14.31 20.60
C HIS G 20 -12.71 13.54 21.55
N ASN G 21 -13.23 13.29 22.75
CA ASN G 21 -12.52 12.50 23.75
C ASN G 21 -12.54 11.02 23.37
N VAL G 22 -11.41 10.37 23.53
CA VAL G 22 -11.28 8.96 23.20
C VAL G 22 -11.29 8.15 24.50
N GLU G 23 -11.62 6.86 24.39
CA GLU G 23 -11.71 5.99 25.56
C GLU G 23 -10.36 5.94 26.30
N ASP G 24 -9.26 5.79 25.57
CA ASP G 24 -7.92 5.68 26.11
C ASP G 24 -7.34 7.02 26.57
N GLY G 25 -8.16 8.05 26.82
CA GLY G 25 -7.68 9.35 27.25
C GLY G 25 -7.29 10.28 26.10
N SER G 26 -6.91 9.72 24.95
CA SER G 26 -6.51 10.54 23.81
C SER G 26 -7.67 11.42 23.40
N VAL G 27 -7.45 12.24 22.38
CA VAL G 27 -8.48 13.06 21.78
C VAL G 27 -8.43 12.80 20.29
N GLN G 28 -9.60 12.82 19.64
CA GLN G 28 -9.69 12.69 18.20
C GLN G 28 -10.13 14.04 17.69
N LEU G 29 -9.32 14.66 16.88
CA LEU G 29 -9.58 16.01 16.45
C LEU G 29 -10.28 15.93 15.11
N ALA G 30 -11.29 16.77 14.93
CA ALA G 30 -12.16 16.74 13.77
C ALA G 30 -12.17 18.13 13.14
N ASP G 31 -11.42 18.32 12.04
CA ASP G 31 -11.36 19.63 11.38
C ASP G 31 -12.62 19.87 10.55
N HIS G 32 -13.23 21.04 10.70
CA HIS G 32 -14.48 21.38 10.03
C HIS G 32 -14.26 22.55 9.09
N TYR G 33 -14.52 22.31 7.80
CA TYR G 33 -14.68 23.35 6.80
C TYR G 33 -16.15 23.42 6.40
N GLN G 34 -16.79 24.57 6.63
CA GLN G 34 -18.20 24.77 6.42
C GLN G 34 -18.48 25.96 5.51
N GLN G 35 -19.40 25.79 4.56
CA GLN G 35 -19.90 26.92 3.79
C GLN G 35 -21.41 26.83 3.65
N ASN G 36 -22.02 27.99 3.51
CA ASN G 36 -23.47 28.12 3.48
C ASN G 36 -23.84 29.02 2.31
N THR G 37 -24.85 28.61 1.56
CA THR G 37 -25.25 29.33 0.37
C THR G 37 -26.76 29.57 0.41
N PRO G 38 -27.23 30.80 0.21
CA PRO G 38 -28.67 31.03 0.18
C PRO G 38 -29.31 30.36 -1.02
N ILE G 39 -30.46 29.73 -0.79
CA ILE G 39 -31.22 29.22 -1.93
C ILE G 39 -32.10 30.32 -2.51
N GLY G 40 -32.85 31.03 -1.67
CA GLY G 40 -33.73 32.05 -2.20
C GLY G 40 -32.95 33.10 -2.95
N ASP G 41 -33.53 33.62 -4.03
CA ASP G 41 -32.82 34.60 -4.83
C ASP G 41 -32.99 36.00 -4.29
N GLY G 42 -33.43 36.14 -3.04
CA GLY G 42 -33.80 37.43 -2.53
C GLY G 42 -32.66 38.03 -1.71
N PRO G 43 -32.97 38.99 -0.86
CA PRO G 43 -31.90 39.65 -0.11
C PRO G 43 -31.45 38.83 1.09
N VAL G 44 -30.16 38.96 1.40
CA VAL G 44 -29.62 38.38 2.62
C VAL G 44 -28.65 39.38 3.23
N LEU G 45 -28.23 39.05 4.44
CA LEU G 45 -27.37 39.90 5.27
C LEU G 45 -25.92 39.46 5.13
N LEU G 46 -24.98 40.42 5.12
CA LEU G 46 -23.54 40.11 5.10
C LEU G 46 -22.89 40.20 6.47
N PRO G 47 -22.77 39.08 7.19
CA PRO G 47 -22.26 39.17 8.57
C PRO G 47 -20.74 39.35 8.58
N ASP G 48 -20.30 40.41 9.26
CA ASP G 48 -18.88 40.55 9.53
C ASP G 48 -18.45 39.39 10.42
N ASN G 49 -17.15 39.22 10.61
CA ASN G 49 -16.70 38.15 11.50
C ASN G 49 -17.32 38.31 12.89
N HIS G 50 -17.94 37.23 13.36
CA HIS G 50 -18.48 37.09 14.71
C HIS G 50 -18.42 35.61 15.09
N VAL G 51 -18.59 35.34 16.39
CA VAL G 51 -18.49 33.99 16.92
C VAL G 51 -19.85 33.39 17.32
N LEU G 52 -19.89 32.07 17.29
CA LEU G 52 -21.01 31.29 17.81
C LEU G 52 -20.48 30.38 18.91
N GLU G 53 -20.98 30.55 20.11
CA GLU G 53 -20.57 29.75 21.25
C GLU G 53 -21.55 28.60 21.41
N THR G 54 -21.08 27.38 21.20
CA THR G 54 -21.95 26.21 21.29
C THR G 54 -21.53 25.39 22.49
N GLN G 55 -22.43 25.28 23.46
CA GLN G 55 -22.35 24.27 24.49
C GLN G 55 -23.50 23.33 24.23
N THR G 56 -23.27 22.05 24.49
CA THR G 56 -24.19 21.04 24.04
C THR G 56 -23.94 19.74 24.79
N VAL G 57 -25.01 19.16 25.36
CA VAL G 57 -24.95 17.94 26.17
C VAL G 57 -25.74 16.85 25.47
N LEU G 58 -25.22 15.63 25.52
CA LEU G 58 -25.85 14.49 24.89
C LEU G 58 -26.30 13.51 25.97
N SER G 59 -27.33 12.74 25.67
CA SER G 59 -27.93 11.86 26.67
C SER G 59 -28.83 10.83 25.99
N LYS G 60 -29.30 9.87 26.79
CA LYS G 60 -30.14 8.75 26.35
C LYS G 60 -31.50 8.79 27.04
N ASP G 61 -32.54 8.48 26.27
CA ASP G 61 -33.85 8.20 26.84
C ASP G 61 -33.81 6.75 27.30
N PRO G 62 -33.95 6.47 28.59
CA PRO G 62 -33.78 5.08 29.05
C PRO G 62 -34.90 4.16 28.56
N ASN G 63 -36.06 4.71 28.22
CA ASN G 63 -37.14 3.95 27.62
C ASN G 63 -36.98 3.75 26.11
N GLU G 64 -36.06 4.44 25.46
CA GLU G 64 -35.84 4.21 24.04
C GLU G 64 -34.89 3.02 23.84
N LYS G 65 -35.34 2.05 23.04
CA LYS G 65 -34.57 0.85 22.74
C LYS G 65 -33.77 0.94 21.45
N ARG G 66 -34.21 1.71 20.47
CA ARG G 66 -33.43 1.89 19.24
C ARG G 66 -32.18 2.71 19.50
N ASP G 67 -31.23 2.58 18.59
CA ASP G 67 -30.03 3.39 18.72
C ASP G 67 -30.39 4.86 18.49
N HIS G 68 -30.00 5.73 19.44
CA HIS G 68 -30.55 7.08 19.48
C HIS G 68 -29.59 8.01 20.22
N MET G 69 -29.93 9.30 20.22
CA MET G 69 -29.17 10.34 20.90
C MET G 69 -30.09 11.52 21.21
N VAL G 70 -30.22 11.85 22.50
CA VAL G 70 -30.92 13.07 22.91
C VAL G 70 -29.90 14.21 22.93
N LEU G 71 -30.35 15.38 22.49
CA LEU G 71 -29.53 16.58 22.41
C LEU G 71 -30.19 17.68 23.20
N LEU G 72 -29.41 18.36 24.02
CA LEU G 72 -29.78 19.68 24.52
C LEU G 72 -28.66 20.60 24.07
N GLU G 73 -28.96 21.68 23.39
CA GLU G 73 -27.88 22.46 22.87
C GLU G 73 -28.23 23.92 23.10
N PHE G 74 -27.21 24.70 23.41
CA PHE G 74 -27.37 26.13 23.63
C PHE G 74 -26.40 26.84 22.70
N VAL G 75 -26.95 27.59 21.76
CA VAL G 75 -26.19 28.30 20.73
C VAL G 75 -26.53 29.78 20.83
N THR G 76 -25.49 30.61 20.81
CA THR G 76 -25.64 32.05 21.03
C THR G 76 -24.50 32.77 20.33
N ALA G 77 -24.82 33.87 19.65
CA ALA G 77 -23.79 34.63 18.93
C ALA G 77 -23.08 35.64 19.82
N ALA G 78 -21.82 35.93 19.49
CA ALA G 78 -20.96 36.81 20.29
C ALA G 78 -19.88 37.41 19.38
N GLY G 79 -19.07 38.31 19.96
CA GLY G 79 -17.88 38.83 19.30
C GLY G 79 -18.02 40.11 18.50
N LEU G 103 -39.40 35.57 11.83
CA LEU G 103 -40.12 34.29 11.67
C LEU G 103 -40.04 33.34 12.83
N PHE G 104 -39.01 33.50 13.65
CA PHE G 104 -38.62 32.53 14.65
C PHE G 104 -39.04 32.97 16.05
N THR G 105 -39.98 33.90 16.16
CA THR G 105 -40.31 34.49 17.43
C THR G 105 -40.79 33.49 18.48
N GLY G 106 -40.96 32.22 18.11
CA GLY G 106 -41.37 31.21 19.07
C GLY G 106 -40.70 29.86 18.88
N VAL G 107 -41.35 28.83 19.41
CA VAL G 107 -40.89 27.44 19.23
C VAL G 107 -41.29 26.95 17.85
N VAL G 108 -40.29 26.67 17.02
CA VAL G 108 -40.49 26.07 15.71
C VAL G 108 -40.21 24.60 15.92
N PRO G 109 -40.97 23.69 15.32
CA PRO G 109 -40.60 22.27 15.35
C PRO G 109 -39.49 21.98 14.38
N ILE G 110 -38.83 20.84 14.58
CA ILE G 110 -37.71 20.50 13.72
C ILE G 110 -37.81 19.03 13.32
N LEU G 111 -37.66 18.78 12.04
CA LEU G 111 -37.48 17.46 11.49
C LEU G 111 -36.11 17.43 10.84
N VAL G 112 -35.30 16.44 11.22
CA VAL G 112 -33.98 16.21 10.62
C VAL G 112 -33.93 14.81 10.06
N GLU G 113 -33.45 14.71 8.83
CA GLU G 113 -33.31 13.44 8.14
C GLU G 113 -31.93 13.40 7.48
N LEU G 114 -31.11 12.45 7.90
CA LEU G 114 -29.78 12.23 7.33
C LEU G 114 -29.74 10.91 6.58
N ASP G 115 -29.19 10.93 5.38
CA ASP G 115 -28.79 9.73 4.66
C ASP G 115 -27.27 9.74 4.55
N GLY G 116 -26.63 8.72 5.08
CA GLY G 116 -25.19 8.62 5.00
C GLY G 116 -24.75 7.23 4.61
N ASP G 117 -23.56 7.13 4.01
CA ASP G 117 -22.81 5.88 4.01
C ASP G 117 -21.34 6.20 4.29
N VAL G 118 -20.75 5.42 5.18
CA VAL G 118 -19.38 5.58 5.61
C VAL G 118 -18.66 4.28 5.30
N ASN G 119 -17.64 4.34 4.44
CA ASN G 119 -17.02 3.15 3.84
C ASN G 119 -18.10 2.22 3.30
N GLY G 120 -19.09 2.81 2.64
CA GLY G 120 -20.19 2.03 2.13
C GLY G 120 -21.14 1.56 3.21
N HIS G 121 -20.77 1.59 4.49
CA HIS G 121 -21.73 1.29 5.55
C HIS G 121 -22.83 2.34 5.50
N LYS G 122 -23.98 1.98 4.92
CA LYS G 122 -25.11 2.88 4.76
C LYS G 122 -25.97 2.93 6.03
N PHE G 123 -26.49 4.13 6.33
CA PHE G 123 -27.28 4.30 7.55
C PHE G 123 -28.18 5.52 7.39
N SER G 124 -29.21 5.59 8.23
CA SER G 124 -30.13 6.71 8.22
C SER G 124 -30.39 7.17 9.65
N VAL G 125 -30.51 8.50 9.82
CA VAL G 125 -30.88 9.09 11.10
C VAL G 125 -32.09 9.97 10.93
N ARG G 126 -33.05 9.84 11.83
CA ARG G 126 -34.23 10.69 11.85
C ARG G 126 -34.30 11.41 13.18
N GLY G 127 -34.53 12.70 13.13
CA GLY G 127 -34.50 13.53 14.33
C GLY G 127 -35.67 14.48 14.44
N GLU G 128 -36.21 14.58 15.65
CA GLU G 128 -37.33 15.47 15.91
C GLU G 128 -37.05 16.30 17.13
N GLY G 129 -37.65 17.48 17.17
CA GLY G 129 -37.54 18.33 18.35
C GLY G 129 -37.97 19.75 18.03
N GLU G 130 -37.73 20.60 19.00
CA GLU G 130 -38.11 21.99 18.96
C GLU G 130 -36.87 22.85 19.06
N GLY G 131 -37.05 24.09 18.63
CA GLY G 131 -36.04 25.11 18.72
C GLY G 131 -36.67 26.44 19.13
N ASP G 132 -36.15 27.07 20.17
CA ASP G 132 -36.56 28.41 20.52
C ASP G 132 -35.36 29.29 20.25
N ALA G 133 -35.42 30.03 19.15
CA ALA G 133 -34.32 30.91 18.80
C ALA G 133 -34.24 32.11 19.72
N THR G 134 -35.34 32.49 20.39
CA THR G 134 -35.28 33.68 21.25
C THR G 134 -34.27 33.51 22.36
N ILE G 135 -34.00 32.27 22.77
CA ILE G 135 -32.97 31.96 23.74
C ILE G 135 -31.96 30.97 23.20
N GLY G 136 -32.05 30.62 21.91
CA GLY G 136 -31.08 29.71 21.33
C GLY G 136 -31.02 28.31 21.90
N LYS G 137 -32.14 27.73 22.31
CA LYS G 137 -32.19 26.40 22.89
C LYS G 137 -32.76 25.42 21.89
N LEU G 138 -32.11 24.27 21.78
CA LEU G 138 -32.52 23.16 20.96
C LEU G 138 -32.80 21.97 21.87
N THR G 139 -33.97 21.35 21.69
CA THR G 139 -34.25 20.05 22.26
C THR G 139 -34.52 19.12 21.09
N LEU G 140 -33.60 18.20 20.82
CA LEU G 140 -33.72 17.30 19.67
C LEU G 140 -33.36 15.87 20.06
N LYS G 141 -34.12 14.90 19.52
CA LYS G 141 -33.89 13.47 19.71
C LYS G 141 -33.69 12.80 18.36
N PHE G 142 -32.61 12.03 18.23
CA PHE G 142 -32.28 11.40 16.96
C PHE G 142 -32.41 9.91 17.08
N ILE G 143 -32.83 9.29 15.98
CA ILE G 143 -32.97 7.83 15.92
C ILE G 143 -32.32 7.33 14.65
N CYS G 144 -31.59 6.23 14.80
CA CYS G 144 -31.08 5.47 13.66
C CYS G 144 -32.18 4.56 13.13
N THR G 145 -32.72 4.90 11.95
CA THR G 145 -33.83 4.19 11.32
C THR G 145 -33.42 2.81 10.80
N THR G 146 -32.12 2.57 10.63
CA THR G 146 -31.63 1.33 10.03
C THR G 146 -30.87 0.46 11.03
N GLY G 147 -31.18 0.57 12.32
CA GLY G 147 -30.52 -0.30 13.29
C GLY G 147 -29.44 0.36 14.09
N LYS G 148 -28.23 -0.17 14.01
CA LYS G 148 -27.10 0.37 14.74
C LYS G 148 -26.43 1.45 13.92
N LEU G 149 -26.04 2.52 14.60
CA LEU G 149 -25.28 3.56 13.94
C LEU G 149 -23.88 3.03 13.69
N PRO G 150 -23.37 3.11 12.46
CA PRO G 150 -22.05 2.55 12.15
C PRO G 150 -20.91 3.48 12.48
N VAL G 151 -21.20 4.64 13.03
CA VAL G 151 -20.22 5.60 13.53
C VAL G 151 -20.74 6.17 14.84
N PRO G 152 -19.85 6.72 15.66
CA PRO G 152 -20.28 7.21 16.98
C PRO G 152 -21.16 8.45 16.92
N TRP G 153 -22.20 8.46 17.77
CA TRP G 153 -23.15 9.57 17.80
C TRP G 153 -22.49 10.92 17.99
N PRO G 154 -21.44 11.07 18.79
CA PRO G 154 -20.80 12.38 18.88
C PRO G 154 -20.33 12.91 17.54
N THR G 155 -19.85 12.04 16.64
CA THR G 155 -19.28 12.53 15.38
C THR G 155 -20.31 13.13 14.42
N LEU G 156 -21.62 13.07 14.71
CA LEU G 156 -22.62 13.63 13.82
C LEU G 156 -23.41 14.73 14.46
N VAL G 157 -22.91 15.30 15.56
CA VAL G 157 -23.65 16.39 16.18
C VAL G 157 -23.63 17.62 15.29
N THR G 158 -22.45 18.09 14.91
CA THR G 158 -22.44 19.29 14.07
C THR G 158 -23.07 19.05 12.71
N THR G 159 -23.32 17.79 12.32
CA THR G 159 -24.05 17.56 11.07
C THR G 159 -25.55 17.56 11.30
N LEU G 160 -26.01 16.95 12.39
CA LEU G 160 -27.46 16.84 12.63
C LEU G 160 -28.08 18.15 13.07
N VAL G 162 -28.81 23.04 12.46
CA VAL G 162 -29.84 24.04 12.20
C VAL G 162 -29.51 25.39 12.83
N GLN G 163 -28.38 25.98 12.44
CA GLN G 163 -27.81 27.18 13.06
C GLN G 163 -28.70 28.41 12.92
N CYS G 164 -29.84 28.27 12.26
CA CYS G 164 -30.80 29.36 12.26
C CYS G 164 -31.52 29.52 13.58
N PHE G 165 -31.29 28.64 14.57
CA PHE G 165 -31.89 28.80 15.88
C PHE G 165 -30.99 29.50 16.87
N SER G 166 -29.77 29.83 16.46
CA SER G 166 -28.82 30.54 17.31
C SER G 166 -29.37 31.91 17.71
N ARG G 167 -29.24 32.24 18.99
CA ARG G 167 -29.66 33.52 19.52
C ARG G 167 -28.63 34.62 19.25
N TYR G 168 -29.02 35.64 18.49
CA TYR G 168 -28.21 36.83 18.28
C TYR G 168 -28.77 37.93 19.17
N PRO G 169 -27.96 38.57 20.07
CA PRO G 169 -28.44 39.77 20.76
C PRO G 169 -28.93 40.84 19.79
N ASP G 170 -29.59 41.89 20.31
CA ASP G 170 -30.25 42.86 19.44
C ASP G 170 -29.24 43.78 18.74
N HIS G 171 -28.12 44.09 19.39
CA HIS G 171 -27.10 44.87 18.71
C HIS G 171 -26.45 44.10 17.58
N MET G 172 -26.68 42.79 17.49
CA MET G 172 -26.06 41.98 16.47
C MET G 172 -27.05 41.40 15.46
N LYS G 173 -28.33 41.73 15.54
CA LYS G 173 -29.28 41.07 14.65
C LYS G 173 -28.98 41.26 13.17
N ARG G 174 -28.12 42.23 12.80
CA ARG G 174 -27.77 42.49 11.40
C ARG G 174 -26.82 41.45 10.80
N HIS G 175 -26.26 40.52 11.61
CA HIS G 175 -25.34 39.46 11.13
C HIS G 175 -26.02 38.10 11.08
N ASP G 176 -27.35 38.06 10.97
CA ASP G 176 -28.11 36.81 11.00
C ASP G 176 -28.34 36.31 9.57
N PHE G 177 -27.25 35.85 8.96
CA PHE G 177 -27.37 35.22 7.64
C PHE G 177 -28.44 34.15 7.70
N PHE G 178 -28.32 33.25 8.66
CA PHE G 178 -29.13 32.03 8.69
C PHE G 178 -30.62 32.35 8.65
N LYS G 179 -31.07 33.28 9.50
CA LYS G 179 -32.49 33.61 9.50
C LYS G 179 -32.90 34.33 8.22
N SER G 180 -32.04 35.22 7.70
CA SER G 180 -32.45 36.07 6.56
C SER G 180 -32.60 35.31 5.27
N THR G 181 -32.27 34.02 5.23
CA THR G 181 -32.46 33.15 4.07
C THR G 181 -33.78 32.39 4.13
N MET G 182 -34.67 32.80 5.01
CA MET G 182 -35.85 32.01 5.29
C MET G 182 -37.09 32.70 4.73
N PRO G 183 -38.17 31.92 4.44
CA PRO G 183 -38.33 30.48 4.66
C PRO G 183 -37.81 29.69 3.47
N GLU G 184 -37.22 30.44 2.53
CA GLU G 184 -36.72 29.85 1.30
C GLU G 184 -35.60 28.86 1.58
N GLY G 185 -34.73 29.17 2.53
CA GLY G 185 -33.73 28.24 3.03
C GLY G 185 -32.33 28.52 2.52
N TYR G 186 -31.42 27.59 2.85
CA TYR G 186 -30.01 27.70 2.48
C TYR G 186 -29.38 26.32 2.33
N VAL G 187 -28.22 26.28 1.69
CA VAL G 187 -27.47 25.03 1.51
C VAL G 187 -26.20 25.08 2.34
N GLN G 188 -26.07 24.12 3.23
CA GLN G 188 -24.93 23.99 4.11
C GLN G 188 -24.10 22.79 3.65
N GLU G 189 -22.81 23.02 3.43
CA GLU G 189 -21.86 22.03 2.93
C GLU G 189 -20.61 22.02 3.80
N ARG G 190 -20.09 20.84 4.11
CA ARG G 190 -18.93 20.72 5.00
C ARG G 190 -18.10 19.51 4.68
N THR G 191 -16.80 19.66 4.90
CA THR G 191 -15.90 18.53 5.01
C THR G 191 -15.51 18.48 6.47
N ILE G 192 -15.78 17.35 7.10
CA ILE G 192 -15.41 17.10 8.48
C ILE G 192 -14.28 16.09 8.42
N SER G 193 -13.07 16.53 8.73
CA SER G 193 -11.88 15.70 8.64
C SER G 193 -11.42 15.23 10.02
N PHE G 194 -11.34 13.91 10.20
CA PHE G 194 -10.90 13.29 11.46
C PHE G 194 -9.43 12.89 11.32
N ARG G 195 -8.57 13.50 12.14
CA ARG G 195 -7.14 13.39 11.93
C ARG G 195 -6.66 11.96 12.05
N ASP G 196 -5.75 11.58 11.16
CA ASP G 196 -5.15 10.26 11.11
C ASP G 196 -6.16 9.18 10.83
N ASP G 197 -7.29 9.56 10.22
CA ASP G 197 -8.35 8.62 9.96
C ASP G 197 -9.16 9.22 8.76
N GLY G 198 -10.44 8.85 8.65
CA GLY G 198 -11.24 9.25 7.49
C GLY G 198 -11.76 10.68 7.46
N LYS G 199 -12.85 10.89 6.72
CA LYS G 199 -13.38 12.23 6.43
C LYS G 199 -14.83 12.12 5.95
N TYR G 200 -15.70 13.02 6.42
CA TYR G 200 -17.06 13.14 5.90
C TYR G 200 -17.18 14.29 4.91
N LYS G 201 -18.07 14.14 3.93
CA LYS G 201 -18.48 15.26 3.10
C LYS G 201 -20.01 15.30 3.08
N THR G 202 -20.62 16.37 3.65
CA THR G 202 -22.06 16.48 3.85
C THR G 202 -22.70 17.63 3.06
N ARG G 203 -23.92 17.40 2.58
CA ARG G 203 -24.73 18.41 1.91
C ARG G 203 -26.12 18.47 2.51
N ALA G 204 -26.60 19.68 2.83
CA ALA G 204 -27.85 19.85 3.56
C ALA G 204 -28.65 21.01 3.03
N VAL G 205 -29.96 20.83 2.95
CA VAL G 205 -30.90 21.91 2.64
C VAL G 205 -31.67 22.22 3.91
N VAL G 206 -31.51 23.42 4.44
CA VAL G 206 -32.21 23.81 5.66
C VAL G 206 -33.26 24.83 5.27
N LYS G 207 -34.52 24.40 5.24
CA LYS G 207 -35.58 25.27 4.81
C LYS G 207 -36.78 25.00 5.69
N PHE G 208 -37.77 25.86 5.56
CA PHE G 208 -39.07 25.67 6.18
C PHE G 208 -39.97 24.84 5.31
N GLU G 209 -40.85 24.10 5.94
CA GLU G 209 -41.78 23.26 5.24
C GLU G 209 -43.07 23.32 6.06
N GLY G 210 -43.87 24.36 5.83
CA GLY G 210 -45.15 24.40 6.49
C GLY G 210 -45.14 24.56 7.99
N ASP G 211 -44.47 25.60 8.48
CA ASP G 211 -44.41 25.86 9.92
C ASP G 211 -43.78 24.69 10.66
N THR G 212 -42.82 23.99 10.04
CA THR G 212 -41.82 23.19 10.75
C THR G 212 -40.53 23.33 9.94
N LEU G 213 -39.40 23.48 10.63
CA LEU G 213 -38.11 23.61 9.95
C LEU G 213 -37.49 22.24 9.74
N VAL G 214 -36.99 21.99 8.51
CA VAL G 214 -36.40 20.70 8.18
C VAL G 214 -34.94 20.89 7.80
N ASN G 215 -34.14 19.92 8.24
CA ASN G 215 -32.74 19.77 7.93
C ASN G 215 -32.63 18.40 7.25
N ARG G 216 -32.56 18.43 5.91
CA ARG G 216 -32.41 17.24 5.08
C ARG G 216 -30.95 17.18 4.64
N VAL G 217 -30.24 16.08 4.97
CA VAL G 217 -28.79 16.05 4.87
C VAL G 217 -28.31 14.74 4.23
N GLU G 218 -27.39 14.84 3.28
CA GLU G 218 -26.64 13.68 2.79
C GLU G 218 -25.26 13.72 3.42
N LEU G 219 -24.67 12.55 3.61
CA LEU G 219 -23.35 12.49 4.22
C LEU G 219 -22.57 11.38 3.54
N LYS G 220 -21.45 11.73 2.95
CA LYS G 220 -20.56 10.77 2.33
C LYS G 220 -19.28 10.79 3.15
N GLY G 221 -19.02 9.69 3.85
CA GLY G 221 -17.76 9.49 4.55
C GLY G 221 -16.91 8.53 3.75
N THR G 222 -15.61 8.84 3.65
CA THR G 222 -14.71 8.05 2.83
C THR G 222 -13.40 7.85 3.55
N ASP G 223 -12.74 6.74 3.23
CA ASP G 223 -11.35 6.48 3.59
C ASP G 223 -11.14 6.46 5.11
N PHE G 224 -12.07 5.82 5.82
CA PHE G 224 -11.98 5.66 7.27
C PHE G 224 -11.27 4.37 7.63
N LYS G 225 -10.46 4.43 8.68
CA LYS G 225 -9.72 3.27 9.17
C LYS G 225 -10.63 2.28 9.91
N GLU G 226 -10.71 1.06 9.39
CA GLU G 226 -11.42 0.00 10.10
C GLU G 226 -10.70 -0.20 11.43
N ASP G 227 -11.43 -0.11 12.52
CA ASP G 227 -10.83 -0.14 13.86
C ASP G 227 -9.92 1.08 14.09
N GLY G 228 -10.41 2.24 13.67
CA GLY G 228 -9.96 3.50 14.21
C GLY G 228 -11.03 4.01 15.15
N ASN G 229 -10.84 5.24 15.61
CA ASN G 229 -11.73 5.78 16.62
C ASN G 229 -13.18 5.78 16.16
N ILE G 230 -13.41 5.90 14.86
CA ILE G 230 -14.78 6.03 14.40
C ILE G 230 -15.39 4.65 14.24
N LEU G 231 -14.91 3.87 13.27
CA LEU G 231 -15.47 2.54 13.04
C LEU G 231 -15.16 1.60 14.19
N GLY G 232 -14.12 1.85 14.94
CA GLY G 232 -13.97 1.07 16.14
C GLY G 232 -14.89 1.45 17.28
N HIS G 233 -15.72 2.49 17.11
CA HIS G 233 -16.60 2.98 18.16
C HIS G 233 -15.79 3.11 19.45
N LYS G 234 -14.76 3.95 19.38
CA LYS G 234 -13.84 4.11 20.50
C LYS G 234 -13.95 5.49 21.10
N LEU G 235 -15.00 6.23 20.76
CA LEU G 235 -15.18 7.58 21.25
C LEU G 235 -16.14 7.56 22.42
N GLU G 236 -15.73 8.19 23.51
CA GLU G 236 -16.58 8.39 24.66
C GLU G 236 -17.80 9.18 24.20
N TYR G 237 -18.92 9.06 24.92
CA TYR G 237 -20.20 9.57 24.42
C TYR G 237 -20.47 10.94 25.04
N ASN G 238 -19.99 11.99 24.37
CA ASN G 238 -20.17 13.35 24.89
C ASN G 238 -19.71 14.37 23.84
N PHE G 239 -19.96 15.64 24.18
CA PHE G 239 -19.59 16.76 23.33
C PHE G 239 -19.36 17.99 24.22
N HIS H 5 -18.02 22.64 25.15
CA HIS H 5 -18.16 24.06 24.79
C HIS H 5 -17.35 24.41 23.52
N GLN H 6 -17.89 25.24 22.63
CA GLN H 6 -17.26 25.45 21.35
C GLN H 6 -17.61 26.82 20.78
N LYS H 7 -16.62 27.46 20.17
CA LYS H 7 -16.74 28.75 19.50
C LYS H 7 -16.44 28.60 18.01
N LEU H 8 -17.07 29.46 17.21
CA LEU H 8 -17.08 29.37 15.75
C LEU H 8 -17.00 30.77 15.17
N VAL H 9 -16.13 31.02 14.20
CA VAL H 9 -16.10 32.32 13.53
C VAL H 9 -16.73 32.19 12.15
N PHE H 10 -17.73 32.98 11.87
CA PHE H 10 -18.30 33.00 10.54
C PHE H 10 -17.86 34.27 9.82
N PHE H 11 -17.38 34.10 8.58
CA PHE H 11 -16.92 35.19 7.75
C PHE H 11 -17.61 35.16 6.41
N ALA H 12 -17.86 36.34 5.85
CA ALA H 12 -18.47 36.49 4.55
C ALA H 12 -17.40 36.27 3.48
N GLU H 13 -17.85 36.07 2.25
CA GLU H 13 -16.90 35.92 1.14
C GLU H 13 -16.00 37.12 1.02
N ARG I 11 19.84 2.32 -42.36
CA ARG I 11 18.56 1.95 -41.74
C ARG I 11 18.28 0.44 -41.84
N ILE I 12 17.31 -0.06 -41.05
CA ILE I 12 16.96 -1.49 -40.98
C ILE I 12 15.48 -1.69 -41.29
N PHE I 13 15.14 -2.92 -41.69
CA PHE I 13 13.81 -3.19 -42.22
C PHE I 13 13.29 -4.52 -41.69
N ALA I 14 11.97 -4.63 -41.59
CA ALA I 14 11.28 -5.87 -41.24
C ALA I 14 9.91 -5.92 -41.92
N ILE I 15 9.55 -7.08 -42.48
CA ILE I 15 8.28 -7.28 -43.17
C ILE I 15 7.58 -8.44 -42.46
N PHE I 16 6.41 -8.18 -41.91
CA PHE I 16 5.71 -9.25 -41.21
C PHE I 16 4.21 -9.01 -41.23
N THR I 17 3.49 -10.07 -40.89
CA THR I 17 2.05 -10.09 -40.94
C THR I 17 1.52 -10.51 -39.58
N VAL I 18 0.65 -9.70 -39.03
CA VAL I 18 0.01 -9.98 -37.76
C VAL I 18 -1.35 -10.62 -38.06
N ARG I 19 -1.70 -11.68 -37.31
CA ARG I 19 -3.00 -12.33 -37.38
C ARG I 19 -3.88 -11.80 -36.26
N HIS I 20 -5.10 -11.38 -36.61
CA HIS I 20 -6.08 -10.93 -35.62
C HIS I 20 -7.30 -11.83 -35.68
N ASN I 21 -7.64 -12.45 -34.58
CA ASN I 21 -8.79 -13.32 -34.57
C ASN I 21 -10.07 -12.49 -34.59
N VAL I 22 -11.00 -12.87 -35.44
CA VAL I 22 -12.24 -12.14 -35.62
C VAL I 22 -13.40 -12.86 -34.92
N GLU I 23 -14.51 -12.13 -34.74
CA GLU I 23 -15.69 -12.67 -34.07
C GLU I 23 -16.22 -13.91 -34.77
N ASP I 24 -16.51 -13.79 -36.06
CA ASP I 24 -17.19 -14.87 -36.75
C ASP I 24 -16.27 -16.06 -37.02
N GLY I 25 -15.17 -16.18 -36.28
CA GLY I 25 -14.25 -17.27 -36.47
C GLY I 25 -13.14 -17.04 -37.47
N SER I 26 -13.34 -16.15 -38.44
CA SER I 26 -12.30 -15.85 -39.41
C SER I 26 -11.11 -15.16 -38.74
N VAL I 27 -10.09 -14.85 -39.56
CA VAL I 27 -8.88 -14.15 -39.13
C VAL I 27 -8.66 -12.94 -40.02
N GLN I 28 -8.16 -11.85 -39.44
CA GLN I 28 -7.88 -10.60 -40.14
C GLN I 28 -6.39 -10.37 -40.23
N LEU I 29 -5.90 -10.24 -41.46
CA LEU I 29 -4.48 -10.13 -41.71
C LEU I 29 -4.10 -8.66 -41.77
N ALA I 30 -2.98 -8.35 -41.11
CA ALA I 30 -2.46 -6.98 -41.03
C ALA I 30 -0.99 -7.08 -41.43
N ASP I 31 -0.69 -6.76 -42.69
CA ASP I 31 0.68 -6.81 -43.19
C ASP I 31 1.46 -5.57 -42.75
N HIS I 32 2.68 -5.79 -42.25
CA HIS I 32 3.49 -4.74 -41.66
C HIS I 32 4.73 -4.47 -42.51
N TYR I 33 4.87 -3.25 -43.01
CA TYR I 33 6.12 -2.74 -43.56
C TYR I 33 6.70 -1.72 -42.58
N GLN I 34 7.87 -2.03 -42.05
CA GLN I 34 8.51 -1.24 -41.03
C GLN I 34 9.92 -0.89 -41.46
N GLN I 35 10.31 0.37 -41.28
CA GLN I 35 11.69 0.80 -41.45
C GLN I 35 12.03 1.69 -40.26
N ASN I 36 13.31 1.70 -39.91
CA ASN I 36 13.82 2.43 -38.75
C ASN I 36 15.01 3.26 -39.18
N THR I 37 15.05 4.53 -38.80
CA THR I 37 16.14 5.39 -39.22
C THR I 37 16.69 6.07 -37.97
N PRO I 38 17.99 5.93 -37.69
CA PRO I 38 18.55 6.54 -36.47
C PRO I 38 18.66 8.04 -36.58
N ILE I 39 18.33 8.72 -35.49
CA ILE I 39 18.49 10.16 -35.43
C ILE I 39 19.93 10.52 -35.14
N GLY I 40 20.53 9.77 -34.19
CA GLY I 40 21.85 10.05 -33.66
C GLY I 40 22.89 10.29 -34.71
N ASP I 41 23.84 11.13 -34.37
CA ASP I 41 24.79 11.62 -35.34
C ASP I 41 25.94 10.66 -35.57
N GLY I 42 26.08 9.64 -34.74
CA GLY I 42 27.26 8.82 -34.78
C GLY I 42 27.02 7.45 -35.37
N PRO I 43 27.97 6.55 -35.15
CA PRO I 43 27.90 5.24 -35.77
C PRO I 43 27.04 4.29 -34.96
N VAL I 44 26.43 3.35 -35.68
CA VAL I 44 25.54 2.35 -35.13
C VAL I 44 25.84 1.01 -35.78
N LEU I 45 25.15 -0.03 -35.32
CA LEU I 45 25.44 -1.40 -35.75
C LEU I 45 24.55 -1.84 -36.92
N LEU I 46 25.17 -2.47 -37.93
CA LEU I 46 24.45 -3.01 -39.08
C LEU I 46 24.35 -4.53 -38.93
N PRO I 47 23.24 -5.07 -38.46
CA PRO I 47 23.16 -6.47 -38.06
C PRO I 47 22.98 -7.45 -39.23
N ASP I 48 23.22 -8.71 -38.92
CA ASP I 48 22.81 -9.83 -39.76
C ASP I 48 21.30 -9.95 -39.84
N ASN I 49 20.87 -10.84 -40.71
CA ASN I 49 19.53 -11.37 -40.57
C ASN I 49 19.46 -12.02 -39.20
N HIS I 50 18.45 -11.65 -38.42
CA HIS I 50 18.19 -12.34 -37.17
C HIS I 50 16.71 -12.23 -36.83
N VAL I 51 16.22 -13.11 -35.94
CA VAL I 51 14.81 -13.12 -35.62
C VAL I 51 14.59 -12.45 -34.27
N LEU I 52 13.45 -11.80 -34.15
CA LEU I 52 13.10 -11.13 -32.92
C LEU I 52 11.81 -11.82 -32.50
N GLU I 53 11.87 -12.54 -31.39
CA GLU I 53 10.79 -13.41 -30.95
C GLU I 53 9.92 -12.69 -29.95
N THR I 54 8.69 -12.39 -30.33
CA THR I 54 7.78 -11.64 -29.48
C THR I 54 6.61 -12.51 -29.07
N GLN I 55 6.43 -12.66 -27.77
CA GLN I 55 5.17 -13.09 -27.18
C GLN I 55 4.60 -11.92 -26.40
N THR I 56 3.29 -11.87 -26.30
CA THR I 56 2.57 -10.73 -25.74
C THR I 56 1.17 -11.10 -25.28
N VAL I 57 0.85 -10.74 -24.03
CA VAL I 57 -0.39 -11.07 -23.34
C VAL I 57 -1.14 -9.78 -23.00
N LEU I 58 -2.45 -9.84 -23.14
CA LEU I 58 -3.32 -8.70 -22.90
C LEU I 58 -4.23 -8.95 -21.73
N SER I 59 -4.61 -7.86 -21.06
CA SER I 59 -5.45 -7.95 -19.86
C SER I 59 -5.99 -6.57 -19.53
N LYS I 60 -6.84 -6.53 -18.53
CA LYS I 60 -7.53 -5.32 -18.07
C LYS I 60 -7.21 -5.00 -16.62
N ASP I 61 -7.19 -3.72 -16.30
CA ASP I 61 -7.24 -3.23 -14.91
C ASP I 61 -8.69 -3.07 -14.48
N PRO I 62 -9.15 -3.74 -13.43
CA PRO I 62 -10.56 -3.55 -13.03
C PRO I 62 -10.84 -2.18 -12.42
N ASN I 63 -9.83 -1.57 -11.79
CA ASN I 63 -9.98 -0.27 -11.18
C ASN I 63 -10.00 0.83 -12.22
N GLU I 64 -9.51 0.51 -13.40
CA GLU I 64 -9.51 1.49 -14.45
C GLU I 64 -10.89 1.49 -15.06
N LYS I 65 -11.50 2.66 -15.11
CA LYS I 65 -12.74 2.82 -15.82
C LYS I 65 -12.50 3.30 -17.24
N ARG I 66 -11.42 4.05 -17.44
CA ARG I 66 -11.12 4.57 -18.77
C ARG I 66 -10.71 3.44 -19.69
N ASP I 67 -10.89 3.67 -20.99
CA ASP I 67 -10.56 2.62 -21.96
C ASP I 67 -9.07 2.39 -21.96
N HIS I 68 -8.66 1.13 -21.87
CA HIS I 68 -7.27 0.83 -21.56
C HIS I 68 -6.92 -0.60 -21.99
N MET I 69 -5.63 -0.91 -21.88
CA MET I 69 -5.11 -2.26 -22.02
C MET I 69 -3.78 -2.37 -21.29
N VAL I 70 -3.71 -3.34 -20.40
CA VAL I 70 -2.48 -3.74 -19.73
C VAL I 70 -1.74 -4.69 -20.65
N LEU I 71 -0.42 -4.53 -20.74
CA LEU I 71 0.42 -5.37 -21.61
C LEU I 71 1.57 -5.98 -20.82
N LEU I 72 1.84 -7.26 -21.05
CA LEU I 72 3.07 -7.91 -20.64
C LEU I 72 3.68 -8.51 -21.89
N GLU I 73 4.96 -8.26 -22.10
CA GLU I 73 5.61 -8.67 -23.33
C GLU I 73 7.00 -9.17 -22.98
N PHE I 74 7.44 -10.20 -23.71
CA PHE I 74 8.80 -10.72 -23.66
C PHE I 74 9.34 -10.75 -25.09
N VAL I 75 10.37 -9.96 -25.36
CA VAL I 75 10.96 -9.83 -26.69
C VAL I 75 12.41 -10.28 -26.62
N THR I 76 12.82 -11.10 -27.57
CA THR I 76 14.13 -11.73 -27.45
C THR I 76 14.62 -12.09 -28.84
N ALA I 77 15.92 -11.84 -29.08
CA ALA I 77 16.56 -12.10 -30.36
C ALA I 77 17.07 -13.54 -30.42
N ALA I 78 17.11 -14.09 -31.63
CA ALA I 78 17.51 -15.47 -31.84
C ALA I 78 18.03 -15.58 -33.28
N GLY I 79 18.55 -16.76 -33.61
CA GLY I 79 18.87 -17.09 -34.99
C GLY I 79 20.36 -17.26 -35.12
N PHE I 104 20.91 0.65 -20.78
CA PHE I 104 19.91 -0.43 -20.69
C PHE I 104 20.27 -1.57 -19.74
N THR I 105 21.33 -1.37 -18.96
CA THR I 105 21.80 -2.40 -18.05
C THR I 105 20.81 -2.66 -16.92
N GLY I 106 19.77 -1.84 -16.79
CA GLY I 106 18.81 -2.07 -15.74
C GLY I 106 17.38 -1.76 -16.14
N VAL I 107 16.53 -1.53 -15.15
CA VAL I 107 15.13 -1.21 -15.41
C VAL I 107 15.08 0.27 -15.83
N VAL I 108 14.71 0.49 -17.09
CA VAL I 108 14.50 1.84 -17.60
C VAL I 108 13.00 2.10 -17.62
N PRO I 109 12.57 3.28 -17.24
CA PRO I 109 11.15 3.64 -17.38
C PRO I 109 10.80 3.97 -18.82
N ILE I 110 9.49 3.88 -19.10
CA ILE I 110 8.97 4.02 -20.45
C ILE I 110 7.78 4.95 -20.45
N LEU I 111 7.79 5.92 -21.36
CA LEU I 111 6.64 6.74 -21.66
C LEU I 111 6.25 6.54 -23.12
N VAL I 112 4.99 6.18 -23.36
CA VAL I 112 4.49 5.96 -24.71
C VAL I 112 3.40 6.97 -24.98
N GLU I 113 3.45 7.62 -26.16
CA GLU I 113 2.47 8.63 -26.55
C GLU I 113 2.06 8.43 -28.00
N LEU I 114 0.78 8.21 -28.24
CA LEU I 114 0.28 8.05 -29.59
C LEU I 114 -0.78 9.05 -29.85
N ASP I 115 -0.74 9.69 -31.00
CA ASP I 115 -1.75 10.61 -31.35
C ASP I 115 -2.20 10.11 -32.68
N GLY I 116 -3.45 9.77 -32.83
CA GLY I 116 -3.88 9.25 -34.10
C GLY I 116 -5.13 9.79 -34.67
N ASP I 117 -5.47 9.30 -35.84
CA ASP I 117 -6.65 9.70 -36.53
C ASP I 117 -6.99 8.65 -37.56
N VAL I 118 -8.04 7.87 -37.38
CA VAL I 118 -8.42 6.86 -38.36
C VAL I 118 -9.78 7.25 -38.88
N ASN I 119 -9.86 7.50 -40.17
CA ASN I 119 -11.06 8.09 -40.79
C ASN I 119 -11.65 9.24 -39.96
N GLY I 120 -10.80 10.16 -39.52
CA GLY I 120 -11.29 11.29 -38.74
C GLY I 120 -11.59 11.03 -37.27
N HIS I 121 -11.67 9.79 -36.82
CA HIS I 121 -11.76 9.61 -35.38
C HIS I 121 -10.48 10.08 -34.72
N LYS I 122 -10.46 11.26 -34.14
CA LYS I 122 -9.22 11.69 -33.51
C LYS I 122 -9.15 11.16 -32.09
N PHE I 123 -7.97 10.66 -31.73
CA PHE I 123 -7.80 9.97 -30.45
C PHE I 123 -6.36 10.03 -30.04
N SER I 124 -6.13 9.87 -28.75
CA SER I 124 -4.79 9.85 -28.18
C SER I 124 -4.65 8.71 -27.16
N VAL I 125 -3.48 8.08 -27.14
CA VAL I 125 -3.14 7.06 -26.17
C VAL I 125 -1.88 7.47 -25.42
N ARG I 126 -1.90 7.31 -24.11
CA ARG I 126 -0.79 7.60 -23.23
C ARG I 126 -0.40 6.30 -22.55
N GLY I 127 0.88 5.96 -22.58
CA GLY I 127 1.35 4.69 -22.04
C GLY I 127 2.57 4.86 -21.17
N GLU I 128 2.56 4.17 -20.01
CA GLU I 128 3.61 4.28 -19.01
C GLU I 128 4.03 2.90 -18.48
N GLY I 129 5.28 2.77 -18.05
CA GLY I 129 5.74 1.52 -17.50
C GLY I 129 7.26 1.41 -17.52
N GLU I 130 7.73 0.18 -17.27
CA GLU I 130 9.14 -0.16 -17.13
C GLU I 130 9.56 -1.06 -18.28
N GLY I 131 10.86 -1.14 -18.50
CA GLY I 131 11.36 -2.08 -19.48
C GLY I 131 12.71 -2.59 -19.05
N ASP I 132 12.91 -3.90 -18.95
CA ASP I 132 14.20 -4.49 -18.58
C ASP I 132 14.80 -5.24 -19.78
N ALA I 133 15.88 -4.71 -20.34
CA ALA I 133 16.50 -5.38 -21.47
C ALA I 133 17.20 -6.70 -21.07
N THR I 134 17.66 -6.86 -19.82
CA THR I 134 18.39 -8.08 -19.44
C THR I 134 17.50 -9.31 -19.46
N ILE I 135 16.19 -9.16 -19.34
CA ILE I 135 15.24 -10.25 -19.55
C ILE I 135 14.20 -9.96 -20.62
N GLY I 136 14.28 -8.82 -21.32
CA GLY I 136 13.35 -8.51 -22.39
C GLY I 136 11.87 -8.42 -22.00
N LYS I 137 11.57 -7.97 -20.80
CA LYS I 137 10.19 -7.89 -20.35
C LYS I 137 9.77 -6.42 -20.33
N LEU I 138 8.56 -6.17 -20.83
CA LEU I 138 7.93 -4.86 -20.76
C LEU I 138 6.64 -4.97 -19.97
N THR I 139 6.45 -4.08 -18.98
CA THR I 139 5.13 -3.90 -18.37
C THR I 139 4.69 -2.49 -18.72
N LEU I 140 3.64 -2.40 -19.54
CA LEU I 140 3.11 -1.15 -20.02
C LEU I 140 1.59 -1.21 -19.89
N LYS I 141 1.00 -0.10 -19.45
CA LYS I 141 -0.44 0.12 -19.40
C LYS I 141 -0.77 1.31 -20.30
N PHE I 142 -1.79 1.15 -21.13
CA PHE I 142 -2.15 2.19 -22.08
C PHE I 142 -3.54 2.74 -21.72
N ILE I 143 -3.75 4.00 -22.02
CA ILE I 143 -5.04 4.64 -21.76
C ILE I 143 -5.43 5.46 -22.98
N CYS I 144 -6.72 5.39 -23.35
CA CYS I 144 -7.27 6.31 -24.32
C CYS I 144 -7.65 7.58 -23.60
N THR I 145 -6.83 8.62 -23.77
CA THR I 145 -6.99 9.87 -23.02
C THR I 145 -8.18 10.69 -23.49
N THR I 146 -8.69 10.43 -24.69
CA THR I 146 -9.72 11.24 -25.31
C THR I 146 -11.06 10.51 -25.32
N GLY I 147 -11.28 9.66 -24.33
CA GLY I 147 -12.53 8.93 -24.18
C GLY I 147 -12.47 7.47 -24.58
N LYS I 148 -13.26 7.11 -25.60
CA LYS I 148 -13.32 5.75 -26.12
C LYS I 148 -12.34 5.57 -27.29
N LEU I 149 -11.71 4.41 -27.33
CA LEU I 149 -10.86 4.11 -28.48
C LEU I 149 -11.72 3.76 -29.68
N PRO I 150 -11.53 4.44 -30.83
CA PRO I 150 -12.33 4.17 -32.03
C PRO I 150 -11.80 3.06 -32.93
N VAL I 151 -10.77 2.34 -32.49
CA VAL I 151 -10.22 1.15 -33.13
C VAL I 151 -10.01 0.11 -32.04
N PRO I 152 -10.04 -1.17 -32.38
CA PRO I 152 -9.87 -2.20 -31.35
C PRO I 152 -8.45 -2.20 -30.80
N TRP I 153 -8.33 -2.37 -29.48
CA TRP I 153 -7.02 -2.26 -28.85
C TRP I 153 -5.94 -3.11 -29.48
N PRO I 154 -6.19 -4.33 -29.94
CA PRO I 154 -5.09 -5.08 -30.55
C PRO I 154 -4.46 -4.43 -31.77
N THR I 155 -5.21 -3.69 -32.59
CA THR I 155 -4.61 -3.14 -33.80
C THR I 155 -3.54 -2.11 -33.52
N LEU I 156 -3.29 -1.79 -32.24
CA LEU I 156 -2.34 -0.76 -31.84
C LEU I 156 -1.18 -1.29 -30.99
N VAL I 157 -1.01 -2.60 -30.87
CA VAL I 157 0.04 -3.15 -30.03
C VAL I 157 1.40 -2.88 -30.66
N THR I 158 1.57 -3.29 -31.90
CA THR I 158 2.83 -3.03 -32.57
C THR I 158 3.12 -1.54 -32.75
N THR I 159 2.15 -0.67 -32.49
CA THR I 159 2.43 0.76 -32.56
C THR I 159 2.80 1.33 -31.20
N LEU I 160 2.13 0.89 -30.14
CA LEU I 160 2.41 1.36 -28.79
C LEU I 160 3.67 0.68 -28.23
N VAL I 162 8.66 -0.20 -28.42
CA VAL I 162 9.97 0.08 -27.90
C VAL I 162 10.95 -1.05 -28.12
N GLN I 163 11.12 -1.44 -29.38
CA GLN I 163 11.85 -2.65 -29.75
C GLN I 163 13.33 -2.61 -29.34
N CYS I 164 13.76 -1.50 -28.79
CA CYS I 164 15.09 -1.39 -28.19
C CYS I 164 15.17 -2.07 -26.82
N PHE I 165 14.09 -2.67 -26.33
CA PHE I 165 14.12 -3.40 -25.08
C PHE I 165 14.28 -4.88 -25.26
N SER I 166 14.39 -5.34 -26.49
CA SER I 166 14.54 -6.75 -26.72
C SER I 166 15.83 -7.27 -26.09
N ARG I 167 15.72 -8.42 -25.45
CA ARG I 167 16.90 -9.06 -24.88
C ARG I 167 17.72 -9.67 -26.01
N TYR I 168 18.97 -9.25 -26.13
CA TYR I 168 19.90 -9.86 -27.09
C TYR I 168 20.87 -10.79 -26.36
N PRO I 169 21.01 -12.09 -26.79
CA PRO I 169 22.06 -12.95 -26.22
C PRO I 169 23.45 -12.32 -26.28
N ASP I 170 24.43 -12.87 -25.54
CA ASP I 170 25.72 -12.19 -25.48
C ASP I 170 26.47 -12.34 -26.78
N HIS I 171 26.37 -13.50 -27.41
CA HIS I 171 27.01 -13.70 -28.70
C HIS I 171 26.30 -12.94 -29.81
N MET I 172 25.15 -12.34 -29.52
CA MET I 172 24.48 -11.53 -30.53
C MET I 172 24.39 -10.04 -30.20
N LYS I 173 25.00 -9.56 -29.10
CA LYS I 173 24.89 -8.14 -28.76
C LYS I 173 25.39 -7.24 -29.89
N ARG I 174 26.17 -7.80 -30.83
CA ARG I 174 26.78 -7.11 -31.97
C ARG I 174 25.76 -6.73 -33.03
N HIS I 175 24.55 -7.31 -32.98
CA HIS I 175 23.49 -7.05 -33.95
C HIS I 175 22.31 -6.27 -33.36
N ASP I 176 22.51 -5.57 -32.25
CA ASP I 176 21.44 -4.85 -31.56
C ASP I 176 21.44 -3.40 -31.99
N PHE I 177 20.93 -3.17 -33.21
CA PHE I 177 20.73 -1.84 -33.77
C PHE I 177 20.04 -0.93 -32.77
N PHE I 178 18.89 -1.37 -32.26
CA PHE I 178 17.98 -0.49 -31.53
C PHE I 178 18.69 0.22 -30.40
N LYS I 179 19.44 -0.55 -29.59
CA LYS I 179 20.12 0.02 -28.43
C LYS I 179 21.24 0.96 -28.85
N SER I 180 21.97 0.60 -29.91
CA SER I 180 23.16 1.31 -30.35
C SER I 180 22.86 2.68 -30.96
N THR I 181 21.60 3.09 -31.07
CA THR I 181 21.27 4.43 -31.53
C THR I 181 21.03 5.38 -30.39
N MET I 182 21.36 4.99 -29.18
CA MET I 182 20.91 5.71 -28.00
C MET I 182 22.01 6.61 -27.43
N PRO I 183 21.65 7.69 -26.73
CA PRO I 183 20.30 8.10 -26.35
C PRO I 183 19.61 8.94 -27.40
N GLU I 184 20.24 9.14 -28.56
CA GLU I 184 19.61 9.96 -29.58
C GLU I 184 18.38 9.28 -30.16
N GLY I 185 18.43 7.97 -30.36
CA GLY I 185 17.24 7.27 -30.75
C GLY I 185 17.20 6.98 -32.23
N TYR I 186 16.00 6.62 -32.68
CA TYR I 186 15.76 6.29 -34.07
C TYR I 186 14.34 6.69 -34.42
N VAL I 187 14.04 6.72 -35.70
CA VAL I 187 12.70 6.98 -36.19
C VAL I 187 12.15 5.70 -36.78
N GLN I 188 11.01 5.27 -36.27
CA GLN I 188 10.34 4.06 -36.74
C GLN I 188 9.17 4.50 -37.61
N GLU I 189 9.16 4.07 -38.85
CA GLU I 189 8.16 4.47 -39.83
C GLU I 189 7.59 3.16 -40.29
N ARG I 190 6.27 3.07 -40.34
CA ARG I 190 5.68 1.76 -40.59
C ARG I 190 4.29 1.97 -41.19
N THR I 191 3.98 1.17 -42.21
CA THR I 191 2.65 1.15 -42.81
C THR I 191 1.99 -0.16 -42.41
N ILE I 192 0.81 -0.08 -41.79
CA ILE I 192 0.07 -1.27 -41.39
C ILE I 192 -1.17 -1.39 -42.28
N SER I 193 -1.14 -2.36 -43.19
CA SER I 193 -2.22 -2.56 -44.13
C SER I 193 -3.08 -3.73 -43.69
N PHE I 194 -4.35 -3.47 -43.51
CA PHE I 194 -5.30 -4.49 -43.13
C PHE I 194 -5.95 -4.98 -44.41
N ARG I 195 -5.76 -6.26 -44.70
CA ARG I 195 -6.19 -6.81 -45.97
C ARG I 195 -7.70 -6.66 -46.08
N ASP I 196 -8.16 -6.24 -47.26
CA ASP I 196 -9.57 -6.00 -47.54
C ASP I 196 -10.18 -4.94 -46.65
N ASP I 197 -9.35 -4.05 -46.09
CA ASP I 197 -9.84 -2.97 -45.24
C ASP I 197 -8.82 -1.84 -45.33
N GLY I 198 -8.83 -0.94 -44.35
CA GLY I 198 -8.03 0.27 -44.40
C GLY I 198 -6.57 0.05 -44.08
N LYS I 199 -5.90 1.12 -43.63
CA LYS I 199 -4.45 1.05 -43.47
C LYS I 199 -3.95 2.15 -42.54
N TYR I 200 -3.02 1.80 -41.66
CA TYR I 200 -2.33 2.74 -40.79
C TYR I 200 -0.98 3.13 -41.39
N LYS I 201 -0.61 4.40 -41.24
CA LYS I 201 0.74 4.87 -41.56
C LYS I 201 1.24 5.65 -40.35
N THR I 202 2.27 5.12 -39.69
CA THR I 202 2.74 5.63 -38.40
C THR I 202 4.18 6.13 -38.44
N ARG I 203 4.45 7.18 -37.67
CA ARG I 203 5.81 7.71 -37.47
C ARG I 203 6.06 7.87 -35.98
N ALA I 204 7.23 7.42 -35.52
CA ALA I 204 7.56 7.43 -34.11
C ALA I 204 9.01 7.83 -33.88
N VAL I 205 9.22 8.65 -32.85
CA VAL I 205 10.56 9.00 -32.41
C VAL I 205 10.79 8.30 -31.09
N VAL I 206 11.68 7.30 -31.10
CA VAL I 206 11.97 6.52 -29.90
C VAL I 206 13.36 6.90 -29.45
N LYS I 207 13.44 7.69 -28.38
CA LYS I 207 14.70 8.21 -27.89
C LYS I 207 14.61 8.36 -26.38
N PHE I 208 15.76 8.61 -25.74
CA PHE I 208 15.75 8.92 -24.32
C PHE I 208 15.47 10.39 -24.04
N GLU I 209 14.76 10.63 -22.94
CA GLU I 209 14.35 11.99 -22.55
C GLU I 209 14.53 12.05 -21.04
N GLY I 210 15.73 12.45 -20.64
CA GLY I 210 16.04 12.53 -19.23
C GLY I 210 16.07 11.13 -18.69
N ASP I 211 16.69 10.21 -19.41
CA ASP I 211 16.88 8.84 -18.95
C ASP I 211 15.54 8.16 -18.59
N THR I 212 14.54 8.36 -19.45
CA THR I 212 13.37 7.50 -19.54
C THR I 212 13.14 7.32 -21.04
N LEU I 213 12.79 6.12 -21.45
CA LEU I 213 12.59 5.84 -22.86
C LEU I 213 11.19 6.28 -23.29
N VAL I 214 11.11 7.03 -24.38
CA VAL I 214 9.85 7.56 -24.85
C VAL I 214 9.57 7.08 -26.26
N ASN I 215 8.32 6.72 -26.52
CA ASN I 215 7.85 6.32 -27.84
C ASN I 215 6.76 7.34 -28.17
N ARG I 216 7.11 8.31 -29.02
CA ARG I 216 6.20 9.35 -29.48
C ARG I 216 5.75 9.04 -30.90
N VAL I 217 4.44 8.90 -31.10
CA VAL I 217 3.88 8.31 -32.30
C VAL I 217 2.71 9.12 -32.85
N GLU I 218 2.71 9.34 -34.16
CA GLU I 218 1.53 9.74 -34.90
C GLU I 218 0.96 8.54 -35.65
N LEU I 219 -0.36 8.53 -35.85
CA LEU I 219 -0.99 7.43 -36.56
C LEU I 219 -2.11 7.97 -37.44
N LYS I 220 -1.98 7.81 -38.74
CA LYS I 220 -3.05 8.17 -39.63
C LYS I 220 -3.57 6.89 -40.27
N GLY I 221 -4.83 6.56 -40.00
CA GLY I 221 -5.49 5.45 -40.66
C GLY I 221 -6.42 5.98 -41.74
N THR I 222 -6.40 5.30 -42.89
CA THR I 222 -7.17 5.76 -44.05
C THR I 222 -7.89 4.60 -44.71
N ASP I 223 -9.02 4.93 -45.35
CA ASP I 223 -9.78 4.04 -46.22
C ASP I 223 -10.31 2.79 -45.49
N PHE I 224 -10.75 2.97 -44.26
CA PHE I 224 -11.32 1.90 -43.46
C PHE I 224 -12.82 1.83 -43.70
N LYS I 225 -13.34 0.62 -43.79
CA LYS I 225 -14.76 0.37 -43.94
C LYS I 225 -15.43 0.69 -42.61
N GLU I 226 -16.46 1.55 -42.62
CA GLU I 226 -17.13 1.99 -41.38
C GLU I 226 -17.72 0.86 -40.57
N ASP I 227 -18.10 -0.25 -41.21
CA ASP I 227 -18.55 -1.41 -40.45
C ASP I 227 -17.79 -2.62 -41.02
N GLY I 228 -16.46 -2.47 -41.02
CA GLY I 228 -15.54 -3.56 -41.20
C GLY I 228 -15.00 -4.03 -39.86
N ASN I 229 -13.97 -4.88 -39.92
CA ASN I 229 -13.46 -5.52 -38.72
C ASN I 229 -12.93 -4.50 -37.74
N ILE I 230 -12.28 -3.46 -38.24
CA ILE I 230 -11.58 -2.51 -37.39
C ILE I 230 -12.50 -1.41 -36.85
N LEU I 231 -13.07 -0.59 -37.74
CA LEU I 231 -13.96 0.46 -37.25
C LEU I 231 -15.26 -0.11 -36.69
N GLY I 232 -15.70 -1.27 -37.19
CA GLY I 232 -16.84 -1.98 -36.66
C GLY I 232 -16.62 -2.71 -35.35
N HIS I 233 -15.41 -2.71 -34.81
CA HIS I 233 -15.09 -3.33 -33.52
C HIS I 233 -15.52 -4.79 -33.45
N LYS I 234 -14.90 -5.61 -34.32
CA LYS I 234 -15.23 -7.03 -34.44
C LYS I 234 -14.07 -7.96 -34.09
N LEU I 235 -13.04 -7.47 -33.42
CA LEU I 235 -11.93 -8.33 -33.06
C LEU I 235 -12.08 -8.83 -31.64
N GLU I 236 -11.44 -9.97 -31.37
CA GLU I 236 -11.29 -10.48 -30.00
C GLU I 236 -10.35 -9.57 -29.19
N TYR I 237 -10.06 -9.97 -27.94
CA TYR I 237 -9.18 -9.23 -27.03
C TYR I 237 -8.03 -10.17 -26.62
N ASN I 238 -7.02 -10.28 -27.47
CA ASN I 238 -5.93 -11.24 -27.27
C ASN I 238 -4.87 -10.92 -28.32
N PHE I 239 -3.71 -11.59 -28.27
CA PHE I 239 -2.83 -11.14 -29.30
C PHE I 239 -1.90 -12.32 -29.65
N HIS J 5 2.08 -14.66 -29.70
CA HIS J 5 3.39 -15.06 -30.21
C HIS J 5 3.69 -14.71 -31.68
N GLN J 6 4.91 -14.22 -31.92
CA GLN J 6 5.34 -13.86 -33.26
C GLN J 6 6.86 -13.76 -33.36
N LYS J 7 7.39 -14.12 -34.52
CA LYS J 7 8.80 -13.98 -34.85
C LYS J 7 8.97 -13.02 -36.02
N LEU J 8 10.05 -12.23 -35.99
CA LEU J 8 10.22 -11.13 -36.93
C LEU J 8 11.66 -11.08 -37.40
N VAL J 9 11.85 -10.98 -38.71
CA VAL J 9 13.18 -10.94 -39.30
C VAL J 9 13.53 -9.50 -39.60
N PHE J 10 14.65 -9.03 -39.06
CA PHE J 10 15.17 -7.70 -39.33
C PHE J 10 16.38 -7.84 -40.23
N PHE J 11 16.38 -7.06 -41.31
CA PHE J 11 17.46 -6.98 -42.29
C PHE J 11 17.88 -5.52 -42.48
N ALA J 12 19.04 -5.31 -43.10
CA ALA J 12 19.58 -3.97 -43.21
C ALA J 12 19.75 -3.50 -44.64
N GLU J 13 20.07 -2.21 -44.76
CA GLU J 13 19.93 -1.47 -45.99
C GLU J 13 21.06 -1.82 -46.96
N ARG K 11 46.36 16.10 15.52
CA ARG K 11 45.30 15.77 16.45
C ARG K 11 44.86 14.30 16.30
N ILE K 12 43.78 13.89 16.98
CA ILE K 12 43.34 12.49 16.99
C ILE K 12 41.85 12.37 16.68
N PHE K 13 41.44 11.14 16.34
CA PHE K 13 40.12 10.87 15.79
C PHE K 13 39.55 9.56 16.32
N ALA K 14 38.23 9.46 16.38
CA ALA K 14 37.57 8.19 16.72
C ALA K 14 36.22 8.12 16.03
N ILE K 15 35.92 6.97 15.44
CA ILE K 15 34.66 6.75 14.73
C ILE K 15 33.99 5.60 15.41
N PHE K 16 32.80 5.84 15.95
CA PHE K 16 32.11 4.77 16.67
C PHE K 16 30.61 4.97 16.68
N THR K 17 29.92 3.92 17.08
CA THR K 17 28.47 3.86 17.06
C THR K 17 27.95 3.45 18.44
N VAL K 18 27.03 4.25 18.99
CA VAL K 18 26.36 3.92 20.24
C VAL K 18 25.00 3.31 19.94
N ARG K 19 24.67 2.22 20.63
CA ARG K 19 23.36 1.60 20.55
C ARG K 19 22.50 2.11 21.69
N HIS K 20 21.26 2.44 21.42
CA HIS K 20 20.30 2.84 22.45
C HIS K 20 19.11 1.90 22.40
N ASN K 21 18.72 1.32 23.54
CA ASN K 21 17.51 0.51 23.54
C ASN K 21 16.31 1.43 23.35
N VAL K 22 15.38 1.08 22.47
CA VAL K 22 14.15 1.87 22.31
C VAL K 22 13.05 1.09 23.02
N GLU K 23 11.96 1.78 23.38
CA GLU K 23 10.90 1.11 24.14
C GLU K 23 10.28 -0.05 23.36
N ASP K 24 9.97 0.16 22.09
CA ASP K 24 9.27 -0.85 21.33
C ASP K 24 10.16 -2.05 20.96
N GLY K 25 11.22 -2.29 21.71
CA GLY K 25 12.12 -3.40 21.49
C GLY K 25 13.26 -3.13 20.54
N SER K 26 13.09 -2.19 19.61
CA SER K 26 14.14 -1.87 18.65
C SER K 26 15.34 -1.23 19.34
N VAL K 27 16.36 -0.90 18.52
CA VAL K 27 17.61 -0.27 18.94
C VAL K 27 17.77 0.98 18.09
N GLN K 28 18.34 2.03 18.67
CA GLN K 28 18.55 3.29 17.96
C GLN K 28 20.03 3.54 17.80
N LEU K 29 20.49 3.68 16.56
CA LEU K 29 21.93 3.78 16.31
C LEU K 29 22.34 5.23 16.29
N ALA K 30 23.45 5.50 16.97
CA ALA K 30 23.98 6.85 17.15
C ALA K 30 25.43 6.80 16.68
N ASP K 31 25.66 7.26 15.43
CA ASP K 31 26.99 7.28 14.84
C ASP K 31 27.81 8.48 15.30
N HIS K 32 29.03 8.23 15.75
CA HIS K 32 29.88 9.26 16.35
C HIS K 32 31.12 9.51 15.50
N TYR K 33 31.26 10.74 15.00
CA TYR K 33 32.53 11.21 14.45
C TYR K 33 33.15 12.18 15.45
N GLN K 34 34.31 11.81 15.98
CA GLN K 34 34.95 12.60 17.01
C GLN K 34 36.35 12.97 16.59
N GLN K 35 36.73 14.21 16.84
CA GLN K 35 38.11 14.65 16.74
C GLN K 35 38.41 15.53 17.94
N ASN K 36 39.69 15.56 18.31
CA ASN K 36 40.17 16.30 19.48
C ASN K 36 41.36 17.14 19.04
N THR K 37 41.41 18.40 19.45
CA THR K 37 42.47 19.30 19.00
C THR K 37 43.16 19.92 20.21
N PRO K 38 44.48 19.75 20.38
CA PRO K 38 45.16 20.34 21.56
C PRO K 38 45.19 21.85 21.47
N ILE K 39 44.94 22.50 22.61
CA ILE K 39 44.94 23.96 22.64
C ILE K 39 46.35 24.51 22.79
N GLY K 40 47.11 23.96 23.73
CA GLY K 40 48.43 24.45 24.04
C GLY K 40 49.35 24.56 22.84
N ASP K 41 50.37 25.39 22.96
CA ASP K 41 51.32 25.58 21.87
C ASP K 41 52.39 24.48 21.85
N GLY K 42 52.70 23.92 23.00
CA GLY K 42 53.80 22.99 23.11
C GLY K 42 53.52 21.62 22.54
N PRO K 43 54.36 20.67 22.89
CA PRO K 43 54.31 19.33 22.32
C PRO K 43 53.36 18.44 23.09
N VAL K 44 52.82 17.45 22.38
CA VAL K 44 51.90 16.47 22.94
C VAL K 44 52.23 15.10 22.35
N LEU K 45 51.48 14.08 22.77
CA LEU K 45 51.73 12.70 22.38
C LEU K 45 50.84 12.29 21.20
N LEU K 46 51.46 11.64 20.19
CA LEU K 46 50.78 11.10 19.01
C LEU K 46 50.55 9.62 19.25
N PRO K 47 49.39 9.22 19.69
CA PRO K 47 49.22 7.84 20.13
C PRO K 47 49.08 6.89 18.97
N ASP K 48 49.59 5.68 19.18
CA ASP K 48 49.33 4.58 18.30
C ASP K 48 47.81 4.31 18.28
N ASN K 49 47.38 3.43 17.37
CA ASN K 49 46.02 2.91 17.49
C ASN K 49 45.88 2.12 18.79
N HIS K 50 44.84 2.46 19.56
CA HIS K 50 44.48 1.71 20.74
C HIS K 50 42.99 1.84 21.01
N VAL K 51 42.45 0.95 21.83
CA VAL K 51 41.03 1.03 22.16
C VAL K 51 40.90 1.63 23.55
N LEU K 52 39.77 2.29 23.74
CA LEU K 52 39.47 2.89 25.02
C LEU K 52 38.20 2.17 25.46
N GLU K 53 38.32 1.37 26.54
CA GLU K 53 37.25 0.48 27.01
C GLU K 53 36.39 1.18 28.04
N THR K 54 35.17 1.47 27.66
CA THR K 54 34.26 2.24 28.47
C THR K 54 33.10 1.36 28.91
N GLN K 55 32.96 1.19 30.22
CA GLN K 55 31.74 0.72 30.87
C GLN K 55 31.15 1.87 31.70
N THR K 56 29.83 1.91 31.79
CA THR K 56 29.13 3.10 32.28
C THR K 56 27.71 2.78 32.76
N VAL K 57 27.35 3.22 33.98
CA VAL K 57 26.05 2.93 34.61
C VAL K 57 25.33 4.23 34.94
N LEU K 58 24.00 4.25 34.72
CA LEU K 58 23.20 5.46 34.91
C LEU K 58 22.17 5.23 36.04
N SER K 59 21.82 6.30 36.75
CA SER K 59 20.94 6.14 37.91
C SER K 59 20.44 7.50 38.36
N LYS K 60 19.54 7.49 39.35
CA LYS K 60 18.85 8.70 39.83
C LYS K 60 19.14 8.96 41.31
N ASP K 61 19.21 10.23 41.68
CA ASP K 61 19.19 10.67 43.08
C ASP K 61 17.76 10.87 43.56
N PRO K 62 17.31 10.14 44.60
CA PRO K 62 15.92 10.33 45.07
C PRO K 62 15.66 11.69 45.70
N ASN K 63 16.70 12.37 46.19
CA ASN K 63 16.52 13.71 46.74
C ASN K 63 16.40 14.75 45.66
N GLU K 64 16.81 14.42 44.45
CA GLU K 64 16.77 15.43 43.41
C GLU K 64 15.37 15.50 42.86
N LYS K 65 14.80 16.69 42.88
CA LYS K 65 13.51 16.79 42.25
C LYS K 65 13.65 17.23 40.80
N ARG K 66 14.62 18.11 40.54
CA ARG K 66 14.85 18.60 39.20
C ARG K 66 15.51 17.52 38.32
N ASP K 67 15.36 17.68 37.01
CA ASP K 67 15.78 16.64 36.07
C ASP K 67 17.28 16.44 36.13
N HIS K 68 17.70 15.19 36.26
CA HIS K 68 19.08 14.90 36.61
C HIS K 68 19.44 13.51 36.11
N MET K 69 20.74 13.20 36.21
CA MET K 69 21.27 11.89 35.85
C MET K 69 22.59 11.71 36.58
N VAL K 70 22.69 10.69 37.39
CA VAL K 70 23.91 10.26 38.05
C VAL K 70 24.65 9.31 37.13
N LEU K 71 25.97 9.48 37.04
CA LEU K 71 26.83 8.65 36.22
C LEU K 71 27.95 8.03 37.06
N LEU K 72 28.21 6.75 36.84
CA LEU K 72 29.42 6.10 37.31
C LEU K 72 30.08 5.51 36.08
N GLU K 73 31.40 5.74 35.95
CA GLU K 73 32.12 5.29 34.76
C GLU K 73 33.51 4.77 35.08
N PHE K 74 33.88 3.70 34.39
CA PHE K 74 35.22 3.12 34.48
C PHE K 74 35.77 3.06 33.07
N VAL K 75 36.83 3.83 32.81
CA VAL K 75 37.42 3.99 31.49
C VAL K 75 38.88 3.55 31.53
N THR K 76 39.27 2.74 30.57
CA THR K 76 40.58 2.12 30.61
C THR K 76 41.06 1.79 29.21
N ALA K 77 42.31 2.13 28.92
CA ALA K 77 42.89 1.96 27.60
C ALA K 77 43.41 0.54 27.41
N ALA K 78 43.45 0.11 26.15
CA ALA K 78 43.87 -1.25 25.83
C ALA K 78 44.49 -1.27 24.42
N GLY K 79 45.56 -2.06 24.26
CA GLY K 79 46.15 -2.35 22.96
C GLY K 79 45.43 -3.47 22.21
N PHE K 104 47.75 14.51 37.04
CA PHE K 104 46.63 13.56 37.19
C PHE K 104 46.86 12.44 38.18
N THR K 105 47.88 12.62 39.00
CA THR K 105 48.28 11.60 39.97
C THR K 105 47.24 11.36 41.05
N GLY K 106 46.20 12.18 41.13
CA GLY K 106 45.22 11.95 42.17
C GLY K 106 43.78 12.24 41.77
N VAL K 107 42.94 12.41 42.79
CA VAL K 107 41.54 12.70 42.56
C VAL K 107 41.44 14.19 42.20
N VAL K 108 41.04 14.48 40.97
CA VAL K 108 40.78 15.84 40.47
C VAL K 108 39.28 16.09 40.44
N PRO K 109 38.82 17.24 40.87
CA PRO K 109 37.40 17.57 40.70
C PRO K 109 37.13 17.90 39.25
N ILE K 110 35.85 17.77 38.88
CA ILE K 110 35.38 17.93 37.51
C ILE K 110 34.18 18.83 37.51
N LEU K 111 34.19 19.81 36.62
CA LEU K 111 33.04 20.66 36.30
C LEU K 111 32.67 20.44 34.84
N VAL K 112 31.42 20.09 34.59
CA VAL K 112 30.92 19.90 33.23
C VAL K 112 29.80 20.89 32.98
N GLU K 113 29.84 21.58 31.83
CA GLU K 113 28.78 22.54 31.49
C GLU K 113 28.44 22.48 30.01
N LEU K 114 27.20 22.07 29.72
CA LEU K 114 26.64 22.01 28.37
C LEU K 114 25.59 23.08 28.20
N ASP K 115 25.68 23.80 27.09
CA ASP K 115 24.60 24.65 26.58
C ASP K 115 24.16 24.03 25.28
N GLY K 116 22.88 23.71 25.19
CA GLY K 116 22.37 22.99 24.04
C GLY K 116 21.22 23.75 23.42
N ASP K 117 21.03 23.49 22.14
CA ASP K 117 19.83 23.80 21.39
C ASP K 117 19.50 22.66 20.46
N VAL K 118 18.42 21.95 20.75
CA VAL K 118 17.98 20.86 19.90
C VAL K 118 16.59 21.24 19.37
N ASN K 119 16.52 21.54 18.06
CA ASN K 119 15.31 22.06 17.41
C ASN K 119 14.69 23.22 18.17
N GLY K 120 15.49 24.24 18.49
CA GLY K 120 14.98 25.39 19.21
C GLY K 120 14.77 25.18 20.70
N HIS K 121 14.75 23.94 21.17
CA HIS K 121 14.72 23.65 22.59
C HIS K 121 16.03 24.14 23.20
N LYS K 122 16.04 25.29 23.85
CA LYS K 122 17.25 25.71 24.52
C LYS K 122 17.27 25.11 25.93
N PHE K 123 18.42 24.57 26.33
CA PHE K 123 18.52 23.90 27.61
C PHE K 123 19.96 23.90 28.01
N SER K 124 20.18 23.77 29.32
CA SER K 124 21.52 23.76 29.87
C SER K 124 21.67 22.62 30.87
N VAL K 125 22.83 21.99 30.85
CA VAL K 125 23.17 20.95 31.82
C VAL K 125 24.41 21.41 32.57
N ARG K 126 24.38 21.24 33.88
CA ARG K 126 25.52 21.55 34.74
C ARG K 126 25.93 20.24 35.39
N GLY K 127 27.22 19.95 35.37
CA GLY K 127 27.71 18.68 35.88
C GLY K 127 28.89 18.86 36.80
N GLU K 128 28.85 18.14 37.94
CA GLU K 128 29.88 18.22 38.97
C GLU K 128 30.26 16.83 39.47
N GLY K 129 31.50 16.70 39.90
CA GLY K 129 32.00 15.47 40.46
C GLY K 129 33.50 15.47 40.38
N GLU K 130 34.08 14.33 40.74
CA GLU K 130 35.51 14.17 40.71
C GLU K 130 35.86 12.93 39.90
N GLY K 131 37.10 12.86 39.46
CA GLY K 131 37.59 11.79 38.62
C GLY K 131 38.95 11.32 39.03
N ASP K 132 39.13 10.03 39.12
CA ASP K 132 40.40 9.41 39.50
C ASP K 132 40.99 8.69 38.30
N ALA K 133 42.13 9.20 37.81
CA ALA K 133 42.80 8.59 36.66
C ALA K 133 43.50 7.27 37.00
N THR K 134 44.00 7.09 38.23
CA THR K 134 44.74 5.88 38.56
C THR K 134 43.86 4.63 38.57
N ILE K 135 42.55 4.78 38.68
CA ILE K 135 41.58 3.69 38.45
C ILE K 135 40.59 4.01 37.33
N GLY K 136 40.71 5.15 36.65
CA GLY K 136 39.80 5.45 35.56
C GLY K 136 38.34 5.57 35.93
N LYS K 137 38.07 6.08 37.11
CA LYS K 137 36.71 6.17 37.61
C LYS K 137 36.25 7.61 37.53
N LEU K 138 35.04 7.82 37.04
CA LEU K 138 34.40 9.11 37.08
C LEU K 138 33.12 8.98 37.88
N THR K 139 32.91 9.89 38.85
CA THR K 139 31.62 10.04 39.51
C THR K 139 31.09 11.41 39.19
N LEU K 140 30.02 11.46 38.41
CA LEU K 140 29.44 12.71 37.95
C LEU K 140 27.94 12.68 38.09
N LYS K 141 27.37 13.78 38.55
CA LYS K 141 25.94 13.97 38.61
C LYS K 141 25.58 15.17 37.75
N PHE K 142 24.61 15.01 36.89
CA PHE K 142 24.26 16.09 36.00
C PHE K 142 22.87 16.59 36.37
N ILE K 143 22.65 17.87 36.11
CA ILE K 143 21.39 18.53 36.36
C ILE K 143 21.04 19.37 35.14
N CYS K 144 19.78 19.31 34.71
CA CYS K 144 19.26 20.23 33.69
C CYS K 144 18.79 21.50 34.37
N THR K 145 19.59 22.56 34.29
CA THR K 145 19.35 23.81 35.01
C THR K 145 18.19 24.62 34.45
N THR K 146 17.72 24.31 33.26
CA THR K 146 16.70 25.10 32.60
C THR K 146 15.37 24.37 32.61
N GLY K 147 15.16 23.53 33.63
CA GLY K 147 13.89 22.85 33.76
C GLY K 147 13.94 21.38 33.38
N LYS K 148 13.16 21.01 32.36
CA LYS K 148 13.06 19.65 31.86
C LYS K 148 14.06 19.45 30.73
N LEU K 149 14.71 18.27 30.71
CA LEU K 149 15.61 17.96 29.61
C LEU K 149 14.82 17.61 28.36
N PRO K 150 15.05 18.31 27.24
CA PRO K 150 14.26 18.11 26.01
C PRO K 150 14.73 16.98 25.11
N VAL K 151 15.72 16.22 25.57
CA VAL K 151 16.21 15.01 24.92
C VAL K 151 16.42 13.96 25.98
N PRO K 152 16.39 12.70 25.62
CA PRO K 152 16.60 11.66 26.59
C PRO K 152 18.03 11.71 27.10
N TRP K 153 18.17 11.51 28.41
CA TRP K 153 19.48 11.62 29.05
C TRP K 153 20.58 10.77 28.43
N PRO K 154 20.35 9.51 28.02
CA PRO K 154 21.47 8.75 27.43
C PRO K 154 22.05 9.41 26.20
N THR K 155 21.25 10.16 25.44
CA THR K 155 21.76 10.74 24.22
C THR K 155 22.82 11.79 24.48
N LEU K 156 23.07 12.17 25.75
CA LEU K 156 24.02 13.21 26.07
C LEU K 156 25.18 12.71 26.92
N VAL K 157 25.37 11.40 27.05
CA VAL K 157 26.49 10.89 27.85
C VAL K 157 27.80 11.16 27.15
N THR K 158 27.94 10.70 25.91
CA THR K 158 29.23 10.87 25.26
C THR K 158 29.61 12.34 25.11
N THR K 159 28.66 13.24 25.27
CA THR K 159 28.93 14.66 25.23
C THR K 159 29.31 15.17 26.60
N LEU K 160 28.65 14.67 27.64
CA LEU K 160 28.90 15.17 28.99
C LEU K 160 30.21 14.60 29.59
N VAL K 162 35.02 13.64 29.40
CA VAL K 162 36.26 14.07 29.97
C VAL K 162 37.25 12.91 29.85
N GLN K 163 37.50 12.53 28.61
CA GLN K 163 38.20 11.30 28.30
C GLN K 163 39.64 11.29 28.81
N CYS K 164 40.12 12.39 29.37
CA CYS K 164 41.44 12.42 29.97
C CYS K 164 41.51 11.75 31.33
N PHE K 165 40.39 11.28 31.87
CA PHE K 165 40.47 10.57 33.14
C PHE K 165 40.64 9.10 32.91
N SER K 166 40.75 8.72 31.65
CA SER K 166 40.93 7.33 31.29
C SER K 166 42.19 6.73 31.89
N ARG K 167 42.08 5.54 32.45
CA ARG K 167 43.24 4.89 33.05
C ARG K 167 44.14 4.33 31.95
N TYR K 168 45.42 4.84 31.84
CA TYR K 168 46.29 4.13 30.90
C TYR K 168 47.24 3.20 31.64
N PRO K 169 47.34 1.91 31.22
CA PRO K 169 48.37 1.02 31.77
C PRO K 169 49.75 1.66 31.64
N ASP K 170 50.76 1.09 32.31
CA ASP K 170 52.05 1.77 32.35
C ASP K 170 52.76 1.74 31.00
N HIS K 171 52.63 0.63 30.26
CA HIS K 171 53.28 0.55 28.95
C HIS K 171 52.57 1.35 27.88
N MET K 172 51.37 1.85 28.14
CA MET K 172 50.68 2.68 27.18
C MET K 172 50.57 4.12 27.63
N LYS K 173 51.20 4.47 28.77
CA LYS K 173 51.11 5.85 29.26
C LYS K 173 51.63 6.83 28.22
N ARG K 174 52.43 6.33 27.28
CA ARG K 174 53.02 7.08 26.17
C ARG K 174 52.03 7.32 25.03
N HIS K 175 50.82 6.75 25.07
CA HIS K 175 49.80 7.01 24.06
C HIS K 175 48.62 7.82 24.61
N ASP K 176 48.83 8.53 25.72
CA ASP K 176 47.76 9.27 26.39
C ASP K 176 47.78 10.72 25.92
N PHE K 177 47.24 10.91 24.72
CA PHE K 177 47.07 12.24 24.17
C PHE K 177 46.43 13.15 25.19
N PHE K 178 45.28 12.73 25.74
CA PHE K 178 44.44 13.66 26.51
C PHE K 178 45.21 14.29 27.66
N LYS K 179 45.95 13.46 28.40
CA LYS K 179 46.67 13.99 29.54
C LYS K 179 47.78 14.92 29.06
N SER K 180 48.51 14.50 28.02
CA SER K 180 49.68 15.22 27.57
C SER K 180 49.34 16.56 26.96
N THR K 181 48.07 16.91 26.88
CA THR K 181 47.67 18.23 26.46
C THR K 181 47.43 19.14 27.63
N MET K 182 47.78 18.69 28.86
CA MET K 182 47.37 19.43 30.04
C MET K 182 48.53 20.20 30.68
N PRO K 183 48.23 21.34 31.32
CA PRO K 183 46.89 21.85 31.57
C PRO K 183 46.30 22.69 30.45
N GLU K 184 46.97 22.79 29.31
CA GLU K 184 46.44 23.63 28.24
C GLU K 184 45.12 23.08 27.71
N GLY K 185 45.01 21.76 27.58
CA GLY K 185 43.74 21.19 27.25
C GLY K 185 43.62 20.80 25.79
N TYR K 186 42.37 20.56 25.39
CA TYR K 186 42.08 20.17 24.04
C TYR K 186 40.70 20.68 23.63
N VAL K 187 40.43 20.65 22.34
CA VAL K 187 39.11 20.94 21.80
C VAL K 187 38.56 19.65 21.24
N GLN K 188 37.38 19.25 21.72
CA GLN K 188 36.68 18.04 21.28
C GLN K 188 35.52 18.50 20.40
N GLU K 189 35.47 17.98 19.17
CA GLU K 189 34.50 18.35 18.16
C GLU K 189 33.88 17.05 17.72
N ARG K 190 32.57 17.00 17.63
CA ARG K 190 31.94 15.70 17.43
C ARG K 190 30.63 15.91 16.73
N THR K 191 30.28 15.06 15.77
CA THR K 191 28.91 15.08 15.30
C THR K 191 28.34 13.72 15.63
N ILE K 192 27.19 13.72 16.31
CA ILE K 192 26.51 12.50 16.70
C ILE K 192 25.28 12.37 15.83
N SER K 193 25.32 11.43 14.91
CA SER K 193 24.26 11.25 13.94
C SER K 193 23.37 10.10 14.35
N PHE K 194 22.09 10.39 14.50
CA PHE K 194 21.12 9.39 14.88
C PHE K 194 20.44 8.92 13.62
N ARG K 195 20.60 7.65 13.29
CA ARG K 195 20.08 7.17 12.02
C ARG K 195 18.58 7.34 11.96
N ASP K 196 18.11 7.75 10.80
CA ASP K 196 16.69 8.01 10.56
C ASP K 196 16.15 9.09 11.47
N ASP K 197 17.02 9.96 11.99
CA ASP K 197 16.56 11.05 12.84
C ASP K 197 17.61 12.14 12.72
N GLY K 198 17.66 13.04 13.71
CA GLY K 198 18.52 14.21 13.66
C GLY K 198 20.00 13.97 13.88
N LYS K 199 20.71 14.98 14.36
CA LYS K 199 22.15 14.92 14.47
C LYS K 199 22.63 16.00 15.45
N TYR K 200 23.56 15.64 16.32
CA TYR K 200 24.17 16.61 17.24
C TYR K 200 25.50 17.08 16.65
N LYS K 201 25.85 18.32 16.93
CA LYS K 201 27.20 18.80 16.65
C LYS K 201 27.70 19.52 17.89
N THR K 202 28.74 19.01 18.52
CA THR K 202 29.20 19.54 19.79
C THR K 202 30.61 20.13 19.70
N ARG K 203 30.81 21.19 20.48
CA ARG K 203 32.10 21.86 20.63
C ARG K 203 32.43 21.95 22.10
N ALA K 204 33.63 21.50 22.48
CA ALA K 204 34.01 21.43 23.89
C ALA K 204 35.46 21.86 24.08
N VAL K 205 35.70 22.64 25.13
CA VAL K 205 37.03 22.97 25.58
C VAL K 205 37.23 22.23 26.89
N VAL K 206 38.11 21.23 26.90
CA VAL K 206 38.40 20.43 28.08
C VAL K 206 39.80 20.82 28.54
N LYS K 207 39.87 21.66 29.57
CA LYS K 207 41.12 22.19 30.07
C LYS K 207 40.97 22.40 31.58
N PHE K 208 42.09 22.67 32.26
CA PHE K 208 42.05 23.00 33.68
C PHE K 208 41.73 24.47 33.94
N GLU K 209 40.97 24.70 35.01
CA GLU K 209 40.51 26.04 35.40
C GLU K 209 40.65 26.12 36.91
N GLY K 210 41.81 26.59 37.34
CA GLY K 210 42.14 26.66 38.74
C GLY K 210 42.28 25.25 39.27
N ASP K 211 42.87 24.37 38.46
CA ASP K 211 43.19 23.02 38.91
C ASP K 211 41.92 22.28 39.40
N THR K 212 40.84 22.46 38.64
CA THR K 212 39.68 21.57 38.62
C THR K 212 39.36 21.40 37.14
N LEU K 213 39.03 20.17 36.75
CA LEU K 213 38.89 19.88 35.34
C LEU K 213 37.52 20.27 34.83
N VAL K 214 37.47 20.99 33.70
CA VAL K 214 36.26 21.56 33.17
C VAL K 214 35.98 21.06 31.75
N ASN K 215 34.71 20.76 31.47
CA ASN K 215 34.20 20.40 30.15
C ASN K 215 33.14 21.42 29.81
N ARG K 216 33.48 22.40 28.96
CA ARG K 216 32.56 23.43 28.47
C ARG K 216 32.09 23.03 27.07
N VAL K 217 30.77 22.87 26.89
CA VAL K 217 30.20 22.29 25.69
C VAL K 217 29.01 23.12 25.18
N GLU K 218 29.00 23.37 23.87
CA GLU K 218 27.82 23.81 23.13
C GLU K 218 27.31 22.61 22.35
N LEU K 219 26.00 22.54 22.14
CA LEU K 219 25.45 21.40 21.42
C LEU K 219 24.29 21.88 20.59
N LYS K 220 24.37 21.71 19.27
CA LYS K 220 23.28 22.03 18.38
C LYS K 220 22.78 20.73 17.74
N GLY K 221 21.50 20.43 17.95
CA GLY K 221 20.82 19.34 17.27
C GLY K 221 19.95 19.93 16.17
N THR K 222 19.90 19.26 15.03
CA THR K 222 19.13 19.72 13.88
C THR K 222 18.43 18.56 13.22
N ASP K 223 17.31 18.86 12.58
CA ASP K 223 16.61 17.91 11.71
C ASP K 223 16.12 16.68 12.49
N PHE K 224 15.59 16.91 13.68
CA PHE K 224 15.03 15.85 14.50
C PHE K 224 13.52 15.68 14.26
N LYS K 225 13.07 14.44 14.24
CA LYS K 225 11.63 14.19 14.13
C LYS K 225 10.97 14.54 15.45
N GLU K 226 10.00 15.48 15.40
CA GLU K 226 9.34 15.96 16.63
C GLU K 226 8.66 14.86 17.41
N ASP K 227 8.24 13.78 16.75
CA ASP K 227 7.80 12.60 17.47
C ASP K 227 8.64 11.42 16.98
N GLY K 228 9.96 11.62 17.03
CA GLY K 228 10.90 10.53 16.85
C GLY K 228 11.38 10.02 18.20
N ASN K 229 12.37 9.13 18.14
CA ASN K 229 12.80 8.49 19.36
C ASN K 229 13.38 9.51 20.33
N ILE K 230 14.03 10.53 19.80
CA ILE K 230 14.78 11.44 20.65
C ILE K 230 13.87 12.51 21.22
N LEU K 231 13.32 13.37 20.36
CA LEU K 231 12.42 14.42 20.84
C LEU K 231 11.13 13.84 21.40
N GLY K 232 10.72 12.67 20.91
CA GLY K 232 9.61 11.91 21.44
C GLY K 232 9.91 11.14 22.70
N HIS K 233 11.15 11.20 23.18
CA HIS K 233 11.55 10.56 24.44
C HIS K 233 11.15 9.08 24.50
N LYS K 234 11.70 8.27 23.59
CA LYS K 234 11.30 6.87 23.50
C LYS K 234 12.43 5.90 23.81
N LEU K 235 13.51 6.38 24.41
CA LEU K 235 14.65 5.51 24.69
C LEU K 235 14.56 5.02 26.12
N GLU K 236 14.92 3.74 26.34
CA GLU K 236 15.05 3.25 27.71
C GLU K 236 16.15 4.02 28.44
N TYR K 237 16.11 3.99 29.77
CA TYR K 237 17.03 4.82 30.57
C TYR K 237 18.11 3.90 31.16
N ASN K 238 19.18 3.67 30.39
CA ASN K 238 20.27 2.72 30.69
C ASN K 238 21.34 3.01 29.68
N PHE K 239 22.48 2.33 29.78
CA PHE K 239 23.42 2.67 28.74
C PHE K 239 24.44 1.50 28.44
N HIS L 5 28.79 -1.25 28.01
CA HIS L 5 30.18 -1.55 27.61
C HIS L 5 30.51 -1.15 26.17
N GLN L 6 31.63 -0.46 25.95
CA GLN L 6 31.92 0.12 24.65
C GLN L 6 33.40 0.29 24.46
N LYS L 7 33.89 -0.02 23.26
CA LYS L 7 35.29 0.14 22.94
C LYS L 7 35.41 1.18 21.85
N LEU L 8 36.52 1.90 21.86
CA LEU L 8 36.69 3.09 21.05
C LEU L 8 38.11 3.09 20.49
N VAL L 9 38.28 3.23 19.19
CA VAL L 9 39.64 3.22 18.64
C VAL L 9 40.03 4.66 18.29
N PHE L 10 41.13 5.13 18.86
CA PHE L 10 41.64 6.47 18.60
C PHE L 10 42.89 6.39 17.74
N PHE L 11 42.93 7.18 16.66
CA PHE L 11 44.09 7.30 15.75
C PHE L 11 44.38 8.75 15.40
N ALA L 12 45.54 8.99 14.79
CA ALA L 12 45.94 10.32 14.34
C ALA L 12 46.21 10.41 12.84
#